data_7EXD
#
_entry.id   7EXD
#
loop_
_entity.id
_entity.type
_entity.pdbx_description
1 polymer 'Guanine nucleotide-binding protein G(i) subunit alpha-1'
2 polymer 'Guanine nucleotide-binding protein G(I)/G(S)/G(T) subunit beta-1'
3 polymer 'Guanine nucleotide-binding protein G(I)/G(S)/G(O) subunit gamma-2'
4 polymer scFv16
5 polymer 'Soluble cytochrome b562,5-hydroxytryptamine receptor 1F'
6 non-polymer 2,4,6-tris(fluoranyl)-N-[6-(1-methylpiperidin-4-yl)carbonylpyridin-2-yl]benzamide
#
loop_
_entity_poly.entity_id
_entity_poly.type
_entity_poly.pdbx_seq_one_letter_code
_entity_poly.pdbx_strand_id
1 'polypeptide(L)'
;MGCTLSAEDKAAVERSKMIDRNLREDGEKAAREVKLLLLGAGESGKNTIVKQMKIIHEAGYSEEECKQYKAVVYSNTIQS
IIAIIRAMGRLKIDFGDSARADDARQLFVLAGAAEEGFMTAELAGVIKRLWKDSGVQACFNRSREYQLNDSAAYYLNDLD
RIAQPNYIPTQQDVLRTRVKTTGIVETHFTFKDLHFKMFDVGAQRSERKKWIHCFEGVTAIIFCVALSDYDLVLAEDEEM
NRMHASMKLFDSICNNKWFTDTSIILFLNKKDLFEEKIKKSPLTICYPEYAGSNTYEEAAAYIQCQFEDLNKRKDTKEIY
THFTCSTDTKNVQFVFDAVTDVIIKNNLKDCGLF
;
A
2 'polypeptide(L)'
;MGSLLQSELDQLRQEAEQLKNQIRDARKACADATLSQITNNIDPVGRIQMRTRRTLRGHLAKIYAMHWGTDSRLLVSASQ
DGKLIIWDSYTTNKVHAIPLRSSWVMTCAYAPSGNYVACGGLDNICSIYNLKTREGNVRVSRELAGHTGYLSCCRFLDDN
QIVTSSGDTTCALWDIETGQQTTTFTGHTGDVMSLSLAPDTRLFVSGACDASAKLWDVREGMCRQTFTGHESDINAICFF
PNGNAFATGSDDATCRLFDLRADQELMTYSHDNIICGITSVSFSKSGRLLLAGYDDFNCNVWDALKADRAGVLAGHDNRV
SCLGVTDDGMAVATGSWDSFLKIWN
;
B
3 'polypeptide(L)' MASNNTASIAQARKLVEQLKMEANIDRIKVSKAAADLMAYCEAHAKEDPLLTPVPASENPFREKKFFCAIL G
4 'polypeptide(L)'
;DVQLVESGGGLVQPGGSRKLSCSASGFAFSSFGMHWVRQAPEKGLEWVAYISSGSGTIYYADTVKGRFTISRDDPKNTLF
LQMTSLRSEDTAMYYCVRSIYYYGSSPFDFWGQGTTLTVSSGGGGSGGGGSGGGGSDIVMTQATSSVPVTPGESVSISCR
SSKSLLHSNGNTYLYWFLQRPGQSPQLLIYRMSNLASGVPDRFSGSGSGTAFTLTISRLEAEDVGVYYCMQHLEYPLTFG
AGTKLELK
;
E
5 'polypeptide(L)'
;DYKDDDDAKLQTMHHHHHHHHHHADLEDNWETLNDNLKVIEKADNAAQVKDALTKMRAAALDAQKATPPKLEDKSPDSPE
MKDFRHGFDILVGQIDDALKLANEGKVKEAQAAAEQLKTTRNAYIQKYLASENLYFQGGTMDFLNSSDQNLTSEELLNRM
PSKILVSLTLSGLALMTTTINSLVIAAIIVTRKLHHPANYLICSLAVTDFLVAVLVMPFSIVYIVRESWIMGQVVCDIWL
SVDITCCTCSILHLSAIALDRYRAITDAVEYARKRTPKHAGIMITIVWIISVFISMPPLFWRHQGTSRDDECIIKHDHIV
STIYSTFGAFYIPLALILILYYKIYRAAKTLYHKRQASRIAKEEVNGQVLLESGEKSTKSVSTSYVLEKSLSDPSTDFDK
IHSTVRSLRSEFKHEKSWRRQKISGTRERKAATTLGLILGAFVICWLPFFVKELVVNVCDKCKISEEMSNFLAWLGYLNS
LINPLIYTIFNEDFKKAFQKLVRCRC
;
R
#
loop_
_chem_comp.id
_chem_comp.type
_chem_comp.name
_chem_comp.formula
05X non-polymer 2,4,6-tris(fluoranyl)-N-[6-(1-methylpiperidin-4-yl)carbonylpyridin-2-yl]benzamide 'C19 H18 F3 N3 O2'
#
# COMPACT_ATOMS: atom_id res chain seq x y z
N THR A 4 22.65 -14.30 -9.07
CA THR A 4 23.22 -13.81 -7.79
C THR A 4 22.41 -14.34 -6.60
N LEU A 5 21.10 -14.42 -6.78
CA LEU A 5 20.23 -14.90 -5.72
C LEU A 5 20.50 -16.37 -5.41
N SER A 6 20.29 -16.76 -4.16
CA SER A 6 20.54 -18.12 -3.73
C SER A 6 19.45 -19.05 -4.25
N ALA A 7 19.50 -20.31 -3.81
CA ALA A 7 18.56 -21.31 -4.30
C ALA A 7 17.11 -20.93 -3.98
N GLU A 8 16.83 -20.66 -2.70
CA GLU A 8 15.48 -20.31 -2.29
C GLU A 8 15.27 -18.82 -2.08
N ASP A 9 16.28 -17.98 -2.30
CA ASP A 9 16.02 -16.55 -2.39
C ASP A 9 15.13 -16.26 -3.59
N LYS A 10 15.35 -16.96 -4.70
CA LYS A 10 14.44 -16.86 -5.84
C LYS A 10 13.04 -17.34 -5.48
N ALA A 11 12.95 -18.41 -4.68
CA ALA A 11 11.64 -18.89 -4.24
C ALA A 11 10.94 -17.84 -3.37
N ALA A 12 11.70 -17.18 -2.49
CA ALA A 12 11.13 -16.10 -1.68
C ALA A 12 10.65 -14.95 -2.56
N VAL A 13 11.42 -14.61 -3.59
CA VAL A 13 11.00 -13.57 -4.52
C VAL A 13 9.72 -13.98 -5.23
N GLU A 14 9.63 -15.24 -5.65
CA GLU A 14 8.41 -15.72 -6.30
C GLU A 14 7.21 -15.66 -5.35
N ARG A 15 7.42 -16.03 -4.10
CA ARG A 15 6.35 -15.92 -3.10
C ARG A 15 5.94 -14.46 -2.92
N SER A 16 6.91 -13.55 -2.90
CA SER A 16 6.59 -12.13 -2.81
C SER A 16 5.75 -11.69 -4.00
N LYS A 17 6.09 -12.13 -5.20
CA LYS A 17 5.30 -11.79 -6.39
C LYS A 17 3.89 -12.36 -6.29
N MET A 18 3.76 -13.59 -5.78
CA MET A 18 2.44 -14.17 -5.62
C MET A 18 1.60 -13.36 -4.62
N ILE A 19 2.21 -12.97 -3.50
CA ILE A 19 1.51 -12.16 -2.51
C ILE A 19 1.12 -10.81 -3.11
N ASP A 20 2.01 -10.21 -3.88
CA ASP A 20 1.69 -8.94 -4.52
C ASP A 20 0.54 -9.08 -5.49
N ARG A 21 0.52 -10.16 -6.27
CA ARG A 21 -0.58 -10.40 -7.20
C ARG A 21 -1.90 -10.57 -6.46
N ASN A 22 -1.88 -11.34 -5.38
CA ASN A 22 -3.10 -11.51 -4.60
C ASN A 22 -3.57 -10.20 -4.00
N LEU A 23 -2.64 -9.41 -3.46
CA LEU A 23 -3.01 -8.11 -2.89
C LEU A 23 -3.58 -7.18 -3.96
N ARG A 24 -2.98 -7.19 -5.15
CA ARG A 24 -3.48 -6.34 -6.23
C ARG A 24 -4.88 -6.77 -6.66
N GLU A 25 -5.12 -8.08 -6.74
CA GLU A 25 -6.46 -8.56 -7.08
C GLU A 25 -7.47 -8.14 -6.02
N ASP A 26 -7.12 -8.28 -4.74
CA ASP A 26 -8.03 -7.87 -3.68
C ASP A 26 -8.29 -6.38 -3.72
N GLY A 27 -7.26 -5.58 -3.97
CA GLY A 27 -7.45 -4.14 -4.05
C GLY A 27 -8.32 -3.73 -5.22
N GLU A 28 -8.13 -4.38 -6.38
CA GLU A 28 -8.98 -4.11 -7.53
C GLU A 28 -10.42 -4.48 -7.24
N LYS A 29 -10.64 -5.61 -6.56
CA LYS A 29 -12.00 -6.00 -6.20
C LYS A 29 -12.63 -4.99 -5.24
N ALA A 30 -11.85 -4.50 -4.29
CA ALA A 30 -12.39 -3.57 -3.29
C ALA A 30 -12.61 -2.18 -3.87
N ALA A 31 -11.83 -1.80 -4.88
CA ALA A 31 -11.97 -0.45 -5.43
C ALA A 31 -13.34 -0.24 -6.04
N ARG A 32 -13.85 -1.23 -6.77
CA ARG A 32 -15.18 -1.10 -7.37
C ARG A 32 -16.26 -0.95 -6.30
N GLU A 33 -16.04 -1.52 -5.12
CA GLU A 33 -17.03 -1.43 -4.05
C GLU A 33 -17.15 0.01 -3.57
N VAL A 34 -18.39 0.44 -3.35
CA VAL A 34 -18.66 1.80 -2.91
C VAL A 34 -18.52 1.88 -1.39
N LYS A 35 -17.94 2.98 -0.92
CA LYS A 35 -17.74 3.22 0.51
C LYS A 35 -18.63 4.39 0.94
N LEU A 36 -19.38 4.17 2.02
CA LEU A 36 -20.29 5.18 2.55
C LEU A 36 -20.08 5.31 4.05
N LEU A 37 -20.27 6.53 4.55
CA LEU A 37 -20.15 6.83 5.98
C LEU A 37 -21.51 7.26 6.50
N LEU A 38 -21.93 6.65 7.60
CA LEU A 38 -23.23 6.93 8.22
C LEU A 38 -22.99 7.72 9.50
N LEU A 39 -23.45 8.97 9.52
CA LEU A 39 -23.31 9.86 10.66
C LEU A 39 -24.67 10.36 11.11
N GLY A 40 -24.75 10.71 12.38
CA GLY A 40 -25.99 11.23 12.95
C GLY A 40 -26.08 10.89 14.42
N ALA A 41 -27.15 11.39 15.04
CA ALA A 41 -27.39 11.11 16.45
C ALA A 41 -27.92 9.69 16.63
N GLY A 42 -27.73 9.17 17.85
CA GLY A 42 -28.18 7.82 18.14
C GLY A 42 -29.68 7.66 18.00
N GLU A 43 -30.43 8.69 18.39
CA GLU A 43 -31.89 8.67 18.34
C GLU A 43 -32.44 9.15 17.00
N SER A 44 -31.58 9.43 16.03
CA SER A 44 -32.01 9.89 14.71
C SER A 44 -32.46 8.75 13.80
N GLY A 45 -32.75 7.57 14.36
CA GLY A 45 -33.20 6.45 13.56
C GLY A 45 -32.11 5.75 12.78
N LYS A 46 -30.85 5.91 13.18
CA LYS A 46 -29.76 5.26 12.45
C LYS A 46 -29.93 3.75 12.44
N ASN A 47 -30.18 3.16 13.62
CA ASN A 47 -30.30 1.70 13.68
C ASN A 47 -31.53 1.22 12.92
N THR A 48 -32.68 1.87 13.13
CA THR A 48 -33.89 1.46 12.45
C THR A 48 -33.75 1.60 10.95
N ILE A 49 -33.17 2.71 10.49
CA ILE A 49 -33.06 2.93 9.05
C ILE A 49 -32.06 1.95 8.44
N VAL A 50 -30.91 1.72 9.08
CA VAL A 50 -29.93 0.80 8.52
C VAL A 50 -30.50 -0.60 8.45
N LYS A 51 -31.29 -0.98 9.46
CA LYS A 51 -31.96 -2.28 9.40
C LYS A 51 -33.01 -2.32 8.30
N GLN A 52 -33.64 -1.18 8.02
CA GLN A 52 -34.75 -1.17 7.07
C GLN A 52 -34.32 -1.57 5.67
N MET A 53 -33.27 -0.94 5.13
CA MET A 53 -32.92 -1.19 3.74
C MET A 53 -31.99 -2.39 3.57
N LYS A 54 -31.63 -3.08 4.65
CA LYS A 54 -30.75 -4.23 4.54
C LYS A 54 -31.32 -5.23 3.54
N ILE A 55 -30.62 -5.42 2.43
CA ILE A 55 -31.09 -6.27 1.35
C ILE A 55 -30.80 -7.74 1.69
N THR A 182 -18.78 -2.99 19.56
CA THR A 182 -18.80 -1.74 20.30
C THR A 182 -18.16 -0.61 19.51
N GLY A 183 -17.33 -0.97 18.53
CA GLY A 183 -16.64 -0.01 17.69
C GLY A 183 -17.36 0.22 16.37
N ILE A 184 -16.58 0.52 15.33
CA ILE A 184 -17.15 0.77 14.02
C ILE A 184 -17.87 -0.48 13.52
N VAL A 185 -19.01 -0.28 12.88
CA VAL A 185 -19.84 -1.37 12.37
C VAL A 185 -19.91 -1.24 10.85
N GLU A 186 -19.67 -2.35 10.15
CA GLU A 186 -19.67 -2.39 8.70
C GLU A 186 -20.86 -3.19 8.20
N THR A 187 -21.48 -2.72 7.12
CA THR A 187 -22.61 -3.39 6.51
C THR A 187 -22.39 -3.46 5.00
N HIS A 188 -22.89 -4.53 4.39
CA HIS A 188 -22.72 -4.78 2.96
C HIS A 188 -24.08 -4.86 2.29
N PHE A 189 -24.26 -4.10 1.21
CA PHE A 189 -25.46 -4.13 0.40
C PHE A 189 -25.11 -4.48 -1.04
N THR A 190 -26.07 -5.05 -1.75
CA THR A 190 -25.91 -5.39 -3.15
C THR A 190 -27.19 -4.98 -3.88
N PHE A 191 -27.13 -3.89 -4.64
CA PHE A 191 -28.29 -3.35 -5.32
C PHE A 191 -27.95 -3.09 -6.77
N LYS A 192 -28.68 -3.73 -7.68
CA LYS A 192 -28.48 -3.58 -9.12
C LYS A 192 -27.02 -3.80 -9.50
N ASP A 193 -26.46 -4.90 -9.03
CA ASP A 193 -25.10 -5.33 -9.39
C ASP A 193 -24.05 -4.32 -8.95
N LEU A 194 -24.33 -3.52 -7.93
CA LEU A 194 -23.39 -2.54 -7.40
C LEU A 194 -23.16 -2.83 -5.93
N HIS A 195 -21.90 -2.93 -5.54
CA HIS A 195 -21.53 -3.26 -4.17
C HIS A 195 -21.40 -1.99 -3.33
N PHE A 196 -21.80 -2.09 -2.06
CA PHE A 196 -21.78 -0.97 -1.13
C PHE A 196 -21.02 -1.36 0.13
N LYS A 197 -20.37 -0.37 0.74
CA LYS A 197 -19.76 -0.50 2.05
C LYS A 197 -20.23 0.66 2.92
N MET A 198 -21.01 0.36 3.94
CA MET A 198 -21.56 1.36 4.84
C MET A 198 -20.83 1.28 6.18
N PHE A 199 -20.31 2.41 6.64
CA PHE A 199 -19.54 2.48 7.88
C PHE A 199 -20.33 3.29 8.90
N ASP A 200 -20.68 2.65 10.01
CA ASP A 200 -21.38 3.31 11.11
C ASP A 200 -20.38 3.55 12.23
N VAL A 201 -20.21 4.81 12.62
CA VAL A 201 -19.25 5.19 13.64
C VAL A 201 -19.93 6.03 14.72
N GLY A 202 -21.26 5.91 14.79
CA GLY A 202 -22.00 6.65 15.81
C GLY A 202 -21.65 6.22 17.23
N ALA A 203 -21.40 4.91 17.42
CA ALA A 203 -21.08 4.40 18.74
C ALA A 203 -19.70 4.81 19.23
N GLN A 204 -18.85 5.34 18.35
CA GLN A 204 -17.50 5.75 18.71
C GLN A 204 -17.57 7.10 19.42
N ARG A 205 -17.67 7.05 20.74
CA ARG A 205 -17.74 8.25 21.57
C ARG A 205 -16.33 8.72 21.89
N SER A 206 -15.75 9.46 20.95
CA SER A 206 -14.40 9.98 21.12
C SER A 206 -14.25 11.25 20.30
N GLU A 207 -13.20 12.02 20.61
CA GLU A 207 -12.97 13.28 19.93
C GLU A 207 -12.73 13.06 18.44
N ARG A 208 -13.33 13.91 17.62
CA ARG A 208 -13.19 13.85 16.17
C ARG A 208 -12.00 14.72 15.75
N LYS A 209 -11.85 14.92 14.44
CA LYS A 209 -10.82 15.73 13.81
C LYS A 209 -9.44 15.07 13.84
N LYS A 210 -9.34 13.85 14.40
CA LYS A 210 -8.09 13.09 14.34
C LYS A 210 -8.26 11.67 13.87
N TRP A 211 -9.50 11.14 13.83
CA TRP A 211 -9.77 9.85 13.22
C TRP A 211 -10.72 9.93 12.04
N ILE A 212 -11.45 11.04 11.88
CA ILE A 212 -12.35 11.19 10.74
C ILE A 212 -11.58 11.27 9.44
N HIS A 213 -10.35 11.79 9.48
CA HIS A 213 -9.57 11.95 8.26
C HIS A 213 -9.33 10.63 7.55
N CYS A 214 -9.42 9.50 8.27
CA CYS A 214 -9.26 8.21 7.63
C CYS A 214 -10.35 7.91 6.61
N PHE A 215 -11.49 8.62 6.70
CA PHE A 215 -12.59 8.45 5.76
C PHE A 215 -12.50 9.39 4.58
N GLU A 216 -11.30 9.87 4.25
CA GLU A 216 -11.15 10.83 3.15
C GLU A 216 -11.62 10.24 1.82
N GLY A 217 -11.52 8.92 1.67
CA GLY A 217 -11.87 8.25 0.44
C GLY A 217 -13.33 7.85 0.32
N VAL A 218 -14.17 8.23 1.28
CA VAL A 218 -15.58 7.84 1.25
C VAL A 218 -16.26 8.52 0.08
N THR A 219 -17.01 7.74 -0.71
CA THR A 219 -17.70 8.29 -1.88
C THR A 219 -18.74 9.32 -1.46
N ALA A 220 -19.53 9.01 -0.43
CA ALA A 220 -20.58 9.91 0.02
C ALA A 220 -20.83 9.66 1.50
N ILE A 221 -21.42 10.66 2.16
CA ILE A 221 -21.71 10.62 3.59
C ILE A 221 -23.23 10.68 3.76
N ILE A 222 -23.78 9.70 4.45
CA ILE A 222 -25.20 9.67 4.78
C ILE A 222 -25.37 10.32 6.15
N PHE A 223 -26.03 11.47 6.18
CA PHE A 223 -26.24 12.24 7.40
C PHE A 223 -27.71 12.10 7.80
N CYS A 224 -27.97 11.29 8.82
CA CYS A 224 -29.33 11.02 9.26
C CYS A 224 -29.71 11.96 10.40
N VAL A 225 -30.82 12.67 10.23
CA VAL A 225 -31.35 13.57 11.24
C VAL A 225 -32.84 13.34 11.36
N ALA A 226 -33.34 13.25 12.60
CA ALA A 226 -34.76 13.07 12.85
C ALA A 226 -35.43 14.42 12.98
N LEU A 227 -36.55 14.59 12.27
CA LEU A 227 -37.29 15.84 12.28
C LEU A 227 -38.02 16.10 13.60
N SER A 228 -38.04 15.13 14.51
CA SER A 228 -38.89 15.17 15.68
C SER A 228 -38.13 15.51 16.97
N ASP A 229 -36.90 16.01 16.89
CA ASP A 229 -36.07 16.17 18.07
C ASP A 229 -35.99 17.60 18.57
N TYR A 230 -37.01 18.44 18.30
CA TYR A 230 -37.02 19.77 18.88
C TYR A 230 -37.44 19.75 20.35
N ASP A 231 -38.33 18.84 20.72
CA ASP A 231 -38.96 18.87 22.04
C ASP A 231 -38.03 18.49 23.18
N LEU A 232 -36.83 17.99 22.87
CA LEU A 232 -35.90 17.53 23.89
C LEU A 232 -34.81 18.58 24.10
N VAL A 233 -34.65 19.05 25.33
CA VAL A 233 -33.66 20.04 25.70
C VAL A 233 -32.90 19.54 26.92
N LEU A 234 -31.57 19.61 26.86
CA LEU A 234 -30.73 19.16 27.94
C LEU A 234 -30.30 20.32 28.83
N ASN A 241 -33.63 20.43 21.51
CA ASN A 241 -32.35 21.11 21.33
C ASN A 241 -31.42 20.29 20.44
N ARG A 242 -31.80 19.04 20.15
CA ARG A 242 -30.97 18.20 19.29
C ARG A 242 -30.87 18.77 17.88
N MET A 243 -31.81 19.63 17.48
CA MET A 243 -31.73 20.21 16.13
C MET A 243 -30.50 21.10 16.00
N HIS A 244 -30.24 21.93 17.01
CA HIS A 244 -29.04 22.77 16.97
C HIS A 244 -27.78 21.91 16.96
N ALA A 245 -27.77 20.83 17.74
CA ALA A 245 -26.61 19.93 17.74
C ALA A 245 -26.41 19.30 16.37
N SER A 246 -27.50 18.87 15.73
CA SER A 246 -27.39 18.27 14.40
C SER A 246 -26.90 19.30 13.39
N MET A 247 -27.39 20.54 13.47
CA MET A 247 -26.90 21.58 12.56
C MET A 247 -25.42 21.84 12.78
N LYS A 248 -24.98 21.88 14.04
CA LYS A 248 -23.56 22.08 14.31
C LYS A 248 -22.73 20.92 13.77
N LEU A 249 -23.22 19.69 13.93
CA LEU A 249 -22.51 18.53 13.42
C LEU A 249 -22.42 18.58 11.90
N PHE A 250 -23.52 18.95 11.23
CA PHE A 250 -23.49 19.08 9.78
C PHE A 250 -22.50 20.14 9.35
N ASP A 251 -22.48 21.28 10.05
CA ASP A 251 -21.50 22.32 9.74
C ASP A 251 -20.08 21.79 9.91
N SER A 252 -19.85 20.99 10.96
CA SER A 252 -18.50 20.52 11.25
C SER A 252 -18.01 19.55 10.18
N ILE A 253 -18.81 18.55 9.83
CA ILE A 253 -18.37 17.55 8.86
C ILE A 253 -18.44 18.07 7.43
N CYS A 254 -19.55 18.72 7.04
CA CYS A 254 -19.68 19.14 5.65
C CYS A 254 -18.59 20.13 5.26
N ASN A 255 -18.26 21.06 6.13
CA ASN A 255 -17.20 22.03 5.89
C ASN A 255 -15.82 21.50 6.25
N ASN A 256 -15.73 20.27 6.74
CA ASN A 256 -14.44 19.69 7.09
C ASN A 256 -13.52 19.66 5.87
N LYS A 257 -12.25 20.00 6.10
CA LYS A 257 -11.28 20.05 5.00
C LYS A 257 -11.08 18.70 4.34
N TRP A 258 -11.35 17.60 5.05
CA TRP A 258 -11.15 16.27 4.49
C TRP A 258 -12.30 15.82 3.60
N PHE A 259 -13.44 16.51 3.64
CA PHE A 259 -14.63 16.09 2.92
C PHE A 259 -15.12 17.20 1.98
N THR A 260 -14.19 17.98 1.43
CA THR A 260 -14.57 19.07 0.54
C THR A 260 -15.27 18.56 -0.71
N ASP A 261 -14.71 17.52 -1.33
CA ASP A 261 -15.25 17.00 -2.59
C ASP A 261 -16.29 15.91 -2.39
N THR A 262 -16.52 15.46 -1.16
CA THR A 262 -17.47 14.39 -0.89
C THR A 262 -18.90 14.91 -1.00
N SER A 263 -19.81 14.02 -1.36
CA SER A 263 -21.23 14.33 -1.47
C SER A 263 -21.95 13.88 -0.21
N ILE A 264 -22.85 14.71 0.29
CA ILE A 264 -23.57 14.46 1.54
C ILE A 264 -25.03 14.18 1.20
N ILE A 265 -25.56 13.10 1.77
CA ILE A 265 -26.95 12.70 1.58
C ILE A 265 -27.66 12.90 2.91
N LEU A 266 -28.70 13.72 2.92
CA LEU A 266 -29.47 14.01 4.12
C LEU A 266 -30.74 13.17 4.11
N PHE A 267 -30.77 12.12 4.94
CA PHE A 267 -31.95 11.28 5.09
C PHE A 267 -32.69 11.76 6.34
N LEU A 268 -33.76 12.52 6.14
CA LEU A 268 -34.56 13.06 7.22
C LEU A 268 -35.64 12.03 7.59
N ASN A 269 -35.50 11.43 8.76
CA ASN A 269 -36.39 10.36 9.19
C ASN A 269 -37.48 10.92 10.11
N LYS A 270 -38.35 10.01 10.59
CA LYS A 270 -39.42 10.35 11.52
C LYS A 270 -40.42 11.34 10.89
N LYS A 271 -40.63 11.24 9.58
CA LYS A 271 -41.60 12.09 8.92
C LYS A 271 -43.02 11.75 9.36
N ASP A 272 -43.31 10.46 9.54
CA ASP A 272 -44.67 10.03 9.84
C ASP A 272 -45.20 10.63 11.13
N LEU A 273 -44.37 10.69 12.18
CA LEU A 273 -44.78 11.30 13.43
C LEU A 273 -44.49 12.80 13.47
N PHE A 274 -43.51 13.27 12.71
CA PHE A 274 -43.36 14.71 12.51
C PHE A 274 -44.63 15.32 11.95
N GLU A 275 -45.39 14.55 11.15
CA GLU A 275 -46.61 15.06 10.56
C GLU A 275 -47.53 15.69 11.61
N GLU A 276 -47.64 15.06 12.78
CA GLU A 276 -48.46 15.61 13.85
C GLU A 276 -47.65 16.38 14.89
N LYS A 277 -46.34 16.10 15.03
CA LYS A 277 -45.54 16.89 15.94
C LYS A 277 -45.48 18.34 15.50
N ILE A 278 -45.39 18.59 14.19
CA ILE A 278 -45.40 19.96 13.69
C ILE A 278 -46.72 20.64 14.08
N LYS A 279 -47.82 19.90 13.99
CA LYS A 279 -49.12 20.46 14.39
C LYS A 279 -49.14 20.79 15.88
N LYS A 280 -48.60 19.89 16.71
CA LYS A 280 -48.64 20.11 18.16
C LYS A 280 -47.85 21.35 18.55
N SER A 281 -46.66 21.53 17.99
CA SER A 281 -45.81 22.66 18.31
C SER A 281 -45.26 23.29 17.04
N PRO A 282 -45.13 24.61 17.00
CA PRO A 282 -44.57 25.27 15.81
C PRO A 282 -43.05 25.13 15.74
N LEU A 283 -42.52 25.43 14.55
CA LEU A 283 -41.07 25.45 14.37
C LEU A 283 -40.42 26.60 15.13
N THR A 284 -41.20 27.60 15.56
CA THR A 284 -40.62 28.72 16.30
C THR A 284 -40.01 28.27 17.62
N ILE A 285 -40.41 27.10 18.13
CA ILE A 285 -39.82 26.60 19.37
C ILE A 285 -38.33 26.38 19.20
N CYS A 286 -37.87 26.09 17.98
CA CYS A 286 -36.47 25.87 17.69
C CYS A 286 -35.90 26.87 16.69
N TYR A 287 -36.70 27.34 15.73
CA TYR A 287 -36.26 28.28 14.71
C TYR A 287 -36.98 29.61 14.92
N PRO A 288 -36.44 30.52 15.73
CA PRO A 288 -37.16 31.78 15.98
C PRO A 288 -37.39 32.61 14.73
N GLU A 289 -36.49 32.53 13.74
CA GLU A 289 -36.63 33.34 12.53
C GLU A 289 -37.71 32.81 11.59
N TYR A 290 -38.26 31.63 11.84
CA TYR A 290 -39.30 31.09 10.97
C TYR A 290 -40.53 31.98 11.00
N ALA A 291 -41.07 32.27 9.82
CA ALA A 291 -42.23 33.13 9.70
C ALA A 291 -43.28 32.63 8.71
N GLY A 292 -43.05 31.49 8.07
CA GLY A 292 -44.01 30.97 7.11
C GLY A 292 -45.17 30.25 7.77
N SER A 293 -46.08 29.76 6.92
CA SER A 293 -47.22 29.02 7.42
C SER A 293 -46.79 27.73 8.08
N ASN A 294 -47.45 27.38 9.18
CA ASN A 294 -47.12 26.18 9.94
C ASN A 294 -47.75 24.95 9.29
N THR A 295 -47.23 24.61 8.11
CA THR A 295 -47.71 23.50 7.32
C THR A 295 -46.59 22.48 7.13
N TYR A 296 -46.98 21.21 7.01
CA TYR A 296 -46.00 20.15 6.81
C TYR A 296 -45.12 20.42 5.59
N GLU A 297 -45.75 20.72 4.45
CA GLU A 297 -44.98 20.92 3.22
C GLU A 297 -44.04 22.11 3.35
N GLU A 298 -44.50 23.21 3.93
CA GLU A 298 -43.66 24.38 4.14
C GLU A 298 -42.62 24.15 5.22
N ALA A 299 -43.00 23.45 6.29
CA ALA A 299 -42.06 23.19 7.38
C ALA A 299 -40.88 22.36 6.90
N ALA A 300 -41.16 21.27 6.17
CA ALA A 300 -40.08 20.43 5.66
C ALA A 300 -39.19 21.19 4.69
N ALA A 301 -39.80 22.01 3.81
CA ALA A 301 -39.01 22.80 2.88
C ALA A 301 -38.10 23.77 3.61
N TYR A 302 -38.62 24.46 4.64
CA TYR A 302 -37.79 25.37 5.40
C TYR A 302 -36.66 24.63 6.10
N ILE A 303 -36.96 23.46 6.67
CA ILE A 303 -35.94 22.70 7.39
C ILE A 303 -34.83 22.28 6.45
N GLN A 304 -35.18 21.76 5.27
CA GLN A 304 -34.15 21.29 4.35
C GLN A 304 -33.38 22.46 3.77
N CYS A 305 -34.05 23.60 3.52
CA CYS A 305 -33.32 24.79 3.08
C CYS A 305 -32.31 25.24 4.14
N GLN A 306 -32.73 25.23 5.41
CA GLN A 306 -31.81 25.63 6.47
C GLN A 306 -30.63 24.67 6.56
N PHE A 307 -30.89 23.37 6.45
CA PHE A 307 -29.79 22.41 6.49
C PHE A 307 -28.83 22.62 5.32
N GLU A 308 -29.37 22.85 4.12
CA GLU A 308 -28.51 23.07 2.97
C GLU A 308 -27.71 24.36 3.10
N ASP A 309 -28.27 25.39 3.73
CA ASP A 309 -27.58 26.67 3.84
C ASP A 309 -26.27 26.56 4.61
N LEU A 310 -26.10 25.54 5.45
CA LEU A 310 -24.88 25.42 6.24
C LEU A 310 -23.65 25.24 5.36
N ASN A 311 -23.81 24.65 4.18
CA ASN A 311 -22.66 24.38 3.31
C ASN A 311 -22.03 25.68 2.86
N LYS A 312 -20.75 25.87 3.22
CA LYS A 312 -20.03 27.09 2.86
C LYS A 312 -19.50 27.05 1.43
N ARG A 313 -19.44 25.87 0.80
CA ARG A 313 -18.93 25.71 -0.55
C ARG A 313 -20.02 25.05 -1.39
N LYS A 314 -20.74 25.86 -2.16
CA LYS A 314 -21.86 25.34 -2.95
C LYS A 314 -21.36 24.54 -4.15
N ASP A 315 -20.34 25.04 -4.85
CA ASP A 315 -19.92 24.44 -6.11
C ASP A 315 -19.17 23.13 -5.89
N THR A 316 -18.30 23.08 -4.87
CA THR A 316 -17.44 21.91 -4.70
C THR A 316 -18.27 20.67 -4.38
N LYS A 317 -19.28 20.80 -3.53
CA LYS A 317 -20.09 19.66 -3.08
C LYS A 317 -21.56 19.97 -3.25
N GLU A 318 -22.35 18.91 -3.37
CA GLU A 318 -23.81 19.00 -3.44
C GLU A 318 -24.41 18.15 -2.33
N ILE A 319 -25.46 18.67 -1.71
CA ILE A 319 -26.11 18.04 -0.58
C ILE A 319 -27.47 17.52 -1.03
N TYR A 320 -27.65 16.20 -1.01
CA TYR A 320 -28.93 15.61 -1.33
C TYR A 320 -29.84 15.60 -0.10
N THR A 321 -31.14 15.74 -0.35
CA THR A 321 -32.13 15.71 0.72
C THR A 321 -33.24 14.74 0.35
N HIS A 322 -33.67 13.94 1.32
CA HIS A 322 -34.71 12.95 1.08
C HIS A 322 -35.37 12.57 2.41
N PHE A 323 -36.63 12.19 2.32
CA PHE A 323 -37.39 11.69 3.46
C PHE A 323 -37.57 10.18 3.26
N THR A 324 -36.96 9.39 4.14
CA THR A 324 -36.82 7.95 3.93
C THR A 324 -37.72 7.11 4.83
N CYS A 325 -37.71 7.37 6.14
CA CYS A 325 -38.39 6.50 7.09
C CYS A 325 -39.84 6.23 6.66
N SER A 326 -40.36 5.07 7.06
CA SER A 326 -41.69 4.63 6.65
C SER A 326 -41.72 4.20 5.18
N THR A 327 -40.59 3.75 4.66
CA THR A 327 -40.50 3.29 3.27
C THR A 327 -39.45 2.18 3.20
N ASP A 328 -39.56 1.35 2.17
CA ASP A 328 -38.74 0.15 2.04
C ASP A 328 -37.74 0.18 0.90
N THR A 329 -38.05 0.84 -0.22
CA THR A 329 -37.20 0.76 -1.40
C THR A 329 -36.78 2.14 -1.90
N LYS A 330 -37.52 3.19 -1.53
CA LYS A 330 -37.18 4.53 -2.00
C LYS A 330 -35.84 4.97 -1.45
N ASN A 331 -35.51 4.61 -0.21
CA ASN A 331 -34.22 4.98 0.35
C ASN A 331 -33.08 4.30 -0.42
N VAL A 332 -33.25 3.02 -0.75
CA VAL A 332 -32.24 2.33 -1.56
C VAL A 332 -32.11 3.00 -2.92
N GLN A 333 -33.23 3.34 -3.54
CA GLN A 333 -33.18 3.98 -4.85
C GLN A 333 -32.47 5.33 -4.77
N PHE A 334 -32.74 6.10 -3.73
CA PHE A 334 -32.08 7.39 -3.58
C PHE A 334 -30.58 7.23 -3.35
N VAL A 335 -30.18 6.26 -2.54
CA VAL A 335 -28.75 6.01 -2.34
C VAL A 335 -28.10 5.63 -3.66
N PHE A 336 -28.75 4.76 -4.44
CA PHE A 336 -28.19 4.36 -5.73
C PHE A 336 -28.07 5.56 -6.67
N ASP A 337 -29.10 6.41 -6.71
CA ASP A 337 -29.04 7.59 -7.55
C ASP A 337 -27.91 8.52 -7.13
N ALA A 338 -27.75 8.73 -5.83
CA ALA A 338 -26.68 9.60 -5.36
C ALA A 338 -25.31 9.04 -5.73
N VAL A 339 -25.10 7.74 -5.52
CA VAL A 339 -23.79 7.17 -5.80
C VAL A 339 -23.50 7.19 -7.29
N THR A 340 -24.50 6.87 -8.14
CA THR A 340 -24.25 6.90 -9.57
C THR A 340 -24.01 8.33 -10.06
N ASP A 341 -24.69 9.31 -9.46
CA ASP A 341 -24.42 10.70 -9.81
C ASP A 341 -22.98 11.07 -9.42
N VAL A 342 -22.53 10.60 -8.26
CA VAL A 342 -21.16 10.89 -7.83
C VAL A 342 -20.17 10.27 -8.80
N ILE A 343 -20.41 9.03 -9.22
CA ILE A 343 -19.51 8.38 -10.17
C ILE A 343 -19.51 9.13 -11.50
N ILE A 344 -20.68 9.58 -11.95
CA ILE A 344 -20.76 10.34 -13.20
C ILE A 344 -19.96 11.64 -13.08
N LYS A 345 -20.08 12.33 -11.94
CA LYS A 345 -19.33 13.55 -11.73
C LYS A 345 -17.83 13.29 -11.73
N ASN A 346 -17.40 12.19 -11.09
CA ASN A 346 -15.98 11.85 -11.09
C ASN A 346 -15.48 11.55 -12.49
N ASN A 347 -16.28 10.82 -13.28
CA ASN A 347 -15.90 10.52 -14.65
C ASN A 347 -15.80 11.78 -15.49
N LEU A 348 -16.73 12.70 -15.32
CA LEU A 348 -16.66 13.97 -16.05
C LEU A 348 -15.46 14.80 -15.60
N LYS A 349 -15.13 14.76 -14.31
CA LYS A 349 -14.02 15.55 -13.80
C LYS A 349 -12.68 15.03 -14.32
N ASP A 350 -12.45 13.71 -14.20
CA ASP A 350 -11.21 13.16 -14.73
C ASP A 350 -11.22 13.09 -16.25
N CYS A 351 -12.36 13.30 -16.88
CA CYS A 351 -12.42 13.52 -18.33
C CYS A 351 -12.11 14.97 -18.70
N GLY A 352 -12.11 15.89 -17.74
CA GLY A 352 -11.79 17.28 -17.98
C GLY A 352 -12.98 18.21 -18.07
N LEU A 353 -14.20 17.71 -17.84
CA LEU A 353 -15.41 18.53 -17.94
C LEU A 353 -15.82 19.15 -16.61
N PHE A 354 -15.01 18.97 -15.57
CA PHE A 354 -15.31 19.61 -14.27
C PHE A 354 -14.04 20.29 -13.73
N LEU B 9 -16.44 21.66 48.54
CA LEU B 9 -15.85 21.18 47.25
C LEU B 9 -14.76 22.15 46.79
N ASP B 10 -15.00 23.44 47.00
CA ASP B 10 -14.02 24.45 46.58
C ASP B 10 -12.67 24.24 47.25
N GLN B 11 -12.66 23.66 48.45
CA GLN B 11 -11.39 23.39 49.11
C GLN B 11 -10.52 22.46 48.28
N LEU B 12 -11.13 21.46 47.63
CA LEU B 12 -10.37 20.57 46.76
C LEU B 12 -9.75 21.33 45.59
N ARG B 13 -10.52 22.24 44.98
CA ARG B 13 -9.98 23.02 43.87
C ARG B 13 -8.82 23.90 44.34
N GLN B 14 -8.97 24.54 45.51
CA GLN B 14 -7.90 25.37 46.03
C GLN B 14 -6.65 24.54 46.32
N GLU B 15 -6.82 23.35 46.88
CA GLU B 15 -5.68 22.49 47.16
C GLU B 15 -5.00 22.07 45.86
N ALA B 16 -5.79 21.72 44.84
CA ALA B 16 -5.21 21.35 43.55
C ALA B 16 -4.44 22.52 42.94
N GLU B 17 -4.98 23.72 43.01
CA GLU B 17 -4.29 24.89 42.47
C GLU B 17 -2.99 25.15 43.23
N GLN B 18 -3.03 25.02 44.57
CA GLN B 18 -1.82 25.21 45.35
C GLN B 18 -0.77 24.16 45.00
N LEU B 19 -1.20 22.91 44.82
CA LEU B 19 -0.25 21.86 44.46
C LEU B 19 0.36 22.12 43.09
N LYS B 20 -0.45 22.59 42.13
CA LYS B 20 0.08 22.90 40.82
C LYS B 20 1.07 24.06 40.89
N ASN B 21 0.78 25.08 41.70
CA ASN B 21 1.70 26.19 41.86
C ASN B 21 3.00 25.73 42.51
N GLN B 22 2.91 24.86 43.51
CA GLN B 22 4.12 24.31 44.12
C GLN B 22 4.94 23.51 43.12
N ILE B 23 4.26 22.73 42.27
CA ILE B 23 4.96 21.96 41.25
C ILE B 23 5.69 22.91 40.31
N ARG B 24 5.02 23.96 39.86
CA ARG B 24 5.65 24.91 38.95
C ARG B 24 6.84 25.60 39.61
N ASP B 25 6.71 25.98 40.88
CA ASP B 25 7.82 26.59 41.59
C ASP B 25 9.00 25.63 41.69
N ALA B 26 8.72 24.35 41.95
CA ALA B 26 9.79 23.35 41.98
C ALA B 26 10.45 23.23 40.62
N ARG B 27 9.66 23.25 39.54
CA ARG B 27 10.24 23.19 38.21
C ARG B 27 11.17 24.36 37.97
N LYS B 28 10.73 25.56 38.35
CA LYS B 28 11.52 26.76 38.11
C LYS B 28 12.79 26.78 38.98
N ALA B 29 12.71 26.23 40.19
CA ALA B 29 13.83 26.34 41.11
C ALA B 29 15.08 25.66 40.56
N CYS B 30 14.93 24.50 39.94
CA CYS B 30 16.06 23.74 39.44
C CYS B 30 16.46 24.12 38.02
N ALA B 31 15.77 25.08 37.40
CA ALA B 31 16.11 25.53 36.06
C ALA B 31 17.28 26.51 36.11
N ASP B 32 18.43 26.00 36.58
CA ASP B 32 19.62 26.84 36.70
C ASP B 32 20.08 27.33 35.33
N ALA B 33 20.08 26.45 34.33
CA ALA B 33 20.49 26.81 32.99
C ALA B 33 19.68 26.02 31.98
N THR B 34 19.52 26.58 30.79
CA THR B 34 18.79 25.93 29.72
C THR B 34 19.75 25.07 28.89
N LEU B 35 19.20 24.01 28.29
CA LEU B 35 20.02 23.08 27.53
C LEU B 35 20.78 23.78 26.42
N SER B 36 20.22 24.86 25.87
CA SER B 36 20.89 25.56 24.78
C SER B 36 22.24 26.13 25.24
N GLN B 37 22.28 26.70 26.45
CA GLN B 37 23.52 27.29 26.94
C GLN B 37 24.63 26.26 27.06
N ILE B 38 24.31 25.04 27.51
CA ILE B 38 25.34 24.02 27.69
C ILE B 38 25.69 23.38 26.35
N THR B 39 24.71 23.21 25.46
CA THR B 39 24.93 22.53 24.19
C THR B 39 25.47 23.43 23.10
N ASN B 40 25.56 24.75 23.33
CA ASN B 40 26.11 25.64 22.32
C ASN B 40 27.58 25.34 22.04
N ASN B 41 28.29 24.79 23.03
CA ASN B 41 29.73 24.60 22.87
C ASN B 41 30.08 23.44 21.95
N ILE B 42 29.30 22.36 21.97
CA ILE B 42 29.63 21.20 21.16
C ILE B 42 29.58 21.57 19.69
N ASP B 43 30.45 20.94 18.89
CA ASP B 43 30.50 21.24 17.47
C ASP B 43 29.18 20.85 16.80
N PRO B 44 28.71 21.64 15.84
CA PRO B 44 27.46 21.28 15.16
C PRO B 44 27.63 20.07 14.27
N VAL B 45 26.53 19.34 14.07
CA VAL B 45 26.52 18.19 13.19
C VAL B 45 26.27 18.67 11.76
N GLY B 46 27.11 18.21 10.83
CA GLY B 46 26.99 18.64 9.46
C GLY B 46 25.72 18.14 8.81
N ARG B 47 25.40 18.76 7.67
CA ARG B 47 24.20 18.38 6.91
C ARG B 47 24.19 16.88 6.67
N ILE B 48 23.18 16.21 7.21
CA ILE B 48 23.05 14.76 7.09
C ILE B 48 22.34 14.46 5.78
N GLN B 49 23.06 13.83 4.86
CA GLN B 49 22.51 13.48 3.56
C GLN B 49 22.00 12.04 3.59
N MET B 50 20.75 11.86 3.19
CA MET B 50 20.12 10.54 3.13
C MET B 50 19.41 10.38 1.80
N ARG B 51 19.31 9.13 1.35
CA ARG B 51 18.70 8.81 0.07
C ARG B 51 17.75 7.64 0.25
N THR B 52 16.77 7.56 -0.65
CA THR B 52 15.76 6.49 -0.62
C THR B 52 16.43 5.21 -1.12
N ARG B 53 17.06 4.49 -0.20
CA ARG B 53 17.74 3.25 -0.58
C ARG B 53 16.75 2.23 -1.12
N ARG B 54 15.60 2.09 -0.48
CA ARG B 54 14.55 1.18 -0.93
C ARG B 54 13.20 1.88 -0.87
N THR B 55 12.38 1.65 -1.89
CA THR B 55 11.02 2.16 -1.95
C THR B 55 10.09 0.95 -1.89
N LEU B 56 9.58 0.65 -0.71
CA LEU B 56 8.81 -0.57 -0.47
C LEU B 56 7.37 -0.37 -0.95
N ARG B 57 7.17 -0.53 -2.25
CA ARG B 57 5.85 -0.42 -2.83
C ARG B 57 5.06 -1.71 -2.60
N GLY B 58 3.75 -1.61 -2.77
CA GLY B 58 2.88 -2.76 -2.63
C GLY B 58 1.55 -2.45 -1.98
N HIS B 59 1.48 -1.33 -1.26
CA HIS B 59 0.24 -0.94 -0.60
C HIS B 59 -0.61 -0.10 -1.54
N LEU B 60 -1.93 -0.30 -1.48
CA LEU B 60 -2.87 0.43 -2.30
C LEU B 60 -3.75 1.36 -1.46
N ALA B 61 -3.31 1.70 -0.25
CA ALA B 61 -4.07 2.57 0.64
C ALA B 61 -3.10 3.35 1.52
N LYS B 62 -3.67 4.14 2.42
CA LYS B 62 -2.87 5.00 3.28
C LYS B 62 -2.11 4.19 4.31
N ILE B 63 -0.92 4.66 4.68
CA ILE B 63 -0.09 4.03 5.70
C ILE B 63 -0.15 4.88 6.96
N TYR B 64 -0.41 4.24 8.09
CA TYR B 64 -0.56 4.95 9.36
C TYR B 64 0.52 4.62 10.37
N ALA B 65 0.98 3.37 10.44
CA ALA B 65 1.94 2.96 11.46
C ALA B 65 2.88 1.89 10.91
N MET B 66 4.03 1.79 11.55
CA MET B 66 5.01 0.76 11.22
C MET B 66 5.87 0.53 12.45
N HIS B 67 6.61 -0.58 12.45
CA HIS B 67 7.49 -0.92 13.56
C HIS B 67 8.65 -1.76 13.05
N TRP B 68 9.80 -1.60 13.69
CA TRP B 68 10.99 -2.37 13.35
C TRP B 68 11.16 -3.53 14.33
N GLY B 69 11.41 -4.71 13.78
CA GLY B 69 11.67 -5.87 14.62
C GLY B 69 13.03 -5.78 15.30
N THR B 70 13.19 -6.59 16.34
CA THR B 70 14.45 -6.61 17.08
C THR B 70 15.62 -7.03 16.21
N ASP B 71 15.36 -7.78 15.13
CA ASP B 71 16.43 -8.19 14.22
C ASP B 71 16.96 -7.02 13.39
N SER B 72 16.28 -5.88 13.40
CA SER B 72 16.71 -4.69 12.66
C SER B 72 16.69 -4.90 11.15
N ARG B 73 15.96 -5.90 10.68
CA ARG B 73 15.84 -6.17 9.25
C ARG B 73 14.40 -6.26 8.77
N LEU B 74 13.51 -6.80 9.59
CA LEU B 74 12.11 -6.97 9.22
C LEU B 74 11.25 -5.88 9.84
N LEU B 75 10.26 -5.42 9.07
CA LEU B 75 9.34 -4.40 9.54
C LEU B 75 7.94 -4.74 9.04
N VAL B 76 6.94 -4.25 9.78
CA VAL B 76 5.54 -4.48 9.45
C VAL B 76 4.84 -3.14 9.30
N SER B 77 4.01 -3.02 8.28
CA SER B 77 3.31 -1.78 7.97
C SER B 77 1.81 -2.03 7.97
N ALA B 78 1.06 -1.09 8.54
CA ALA B 78 -0.40 -1.17 8.62
C ALA B 78 -1.01 -0.17 7.66
N SER B 79 -1.98 -0.64 6.86
CA SER B 79 -2.64 0.20 5.88
C SER B 79 -4.14 -0.04 5.94
N GLN B 80 -4.90 0.94 5.48
CA GLN B 80 -6.35 0.86 5.46
C GLN B 80 -6.89 -0.09 4.39
N ASP B 81 -6.02 -0.62 3.53
CA ASP B 81 -6.45 -1.60 2.55
C ASP B 81 -6.87 -2.91 3.20
N GLY B 82 -6.60 -3.11 4.49
CA GLY B 82 -6.97 -4.33 5.18
C GLY B 82 -5.91 -5.39 5.22
N LYS B 83 -4.66 -5.05 4.91
CA LYS B 83 -3.57 -6.02 4.87
C LYS B 83 -2.41 -5.53 5.72
N LEU B 84 -1.87 -6.41 6.55
CA LEU B 84 -0.62 -6.19 7.25
C LEU B 84 0.49 -6.87 6.47
N ILE B 85 1.50 -6.11 6.06
CA ILE B 85 2.57 -6.60 5.21
C ILE B 85 3.87 -6.55 6.01
N ILE B 86 4.55 -7.69 6.10
CA ILE B 86 5.86 -7.79 6.72
C ILE B 86 6.89 -7.78 5.60
N TRP B 87 7.81 -6.82 5.64
CA TRP B 87 8.76 -6.59 4.56
C TRP B 87 10.17 -6.96 4.99
N ASP B 88 10.94 -7.45 4.03
CA ASP B 88 12.37 -7.66 4.20
C ASP B 88 13.08 -6.38 3.75
N SER B 89 13.61 -5.62 4.72
CA SER B 89 14.18 -4.31 4.42
C SER B 89 15.33 -4.40 3.44
N TYR B 90 16.05 -5.52 3.39
CA TYR B 90 17.20 -5.65 2.51
C TYR B 90 16.81 -6.06 1.10
N THR B 91 15.89 -7.01 0.97
CA THR B 91 15.47 -7.52 -0.34
C THR B 91 14.10 -7.00 -0.78
N THR B 92 13.36 -6.35 0.10
CA THR B 92 12.03 -5.81 -0.18
C THR B 92 11.00 -6.90 -0.45
N ASN B 93 11.33 -8.16 -0.19
CA ASN B 93 10.39 -9.24 -0.41
C ASN B 93 9.25 -9.17 0.60
N LYS B 94 8.06 -9.59 0.17
CA LYS B 94 6.88 -9.60 1.02
C LYS B 94 6.87 -10.89 1.84
N VAL B 95 7.18 -10.79 3.12
CA VAL B 95 7.22 -11.98 3.97
C VAL B 95 5.82 -12.53 4.20
N HIS B 96 4.87 -11.65 4.51
CA HIS B 96 3.51 -12.07 4.80
C HIS B 96 2.54 -10.96 4.40
N ALA B 97 1.28 -11.34 4.20
CA ALA B 97 0.19 -10.41 3.93
C ALA B 97 -1.02 -10.90 4.72
N ILE B 98 -1.16 -10.39 5.94
CA ILE B 98 -2.21 -10.83 6.85
C ILE B 98 -3.51 -10.13 6.48
N PRO B 99 -4.58 -10.85 6.14
CA PRO B 99 -5.86 -10.19 5.87
C PRO B 99 -6.56 -9.81 7.18
N LEU B 100 -6.77 -8.52 7.38
CA LEU B 100 -7.37 -8.03 8.62
C LEU B 100 -8.89 -8.13 8.55
N ARG B 101 -9.48 -8.55 9.67
CA ARG B 101 -10.94 -8.61 9.74
C ARG B 101 -11.56 -7.22 9.63
N SER B 102 -10.91 -6.21 10.21
CA SER B 102 -11.34 -4.82 10.10
C SER B 102 -10.27 -4.04 9.36
N SER B 103 -10.67 -3.38 8.27
CA SER B 103 -9.72 -2.67 7.43
C SER B 103 -9.28 -1.34 8.04
N TRP B 104 -10.01 -0.82 9.03
CA TRP B 104 -9.70 0.49 9.62
C TRP B 104 -8.66 0.34 10.73
N VAL B 105 -7.44 -0.02 10.32
CA VAL B 105 -6.33 -0.15 11.25
C VAL B 105 -5.70 1.23 11.48
N MET B 106 -5.19 1.44 12.67
CA MET B 106 -4.53 2.70 13.03
C MET B 106 -3.13 2.53 13.59
N THR B 107 -2.78 1.38 14.15
CA THR B 107 -1.43 1.16 14.66
C THR B 107 -1.07 -0.31 14.54
N CYS B 108 0.22 -0.58 14.53
CA CYS B 108 0.74 -1.94 14.50
C CYS B 108 2.11 -1.96 15.16
N ALA B 109 2.51 -3.14 15.62
CA ALA B 109 3.80 -3.30 16.26
C ALA B 109 4.30 -4.73 16.05
N TYR B 110 5.60 -4.91 16.16
CA TYR B 110 6.26 -6.20 15.98
C TYR B 110 6.78 -6.67 17.32
N ALA B 111 6.50 -7.93 17.65
CA ALA B 111 6.92 -8.48 18.93
C ALA B 111 8.45 -8.52 19.00
N PRO B 112 9.03 -8.21 20.16
CA PRO B 112 10.50 -8.34 20.27
C PRO B 112 10.99 -9.74 19.96
N SER B 113 10.24 -10.76 20.34
CA SER B 113 10.62 -12.14 20.02
C SER B 113 10.46 -12.46 18.55
N GLY B 114 9.63 -11.69 17.83
CA GLY B 114 9.40 -11.93 16.43
C GLY B 114 8.35 -12.98 16.12
N ASN B 115 7.76 -13.60 17.14
CA ASN B 115 6.75 -14.62 16.94
C ASN B 115 5.33 -14.06 16.92
N TYR B 116 5.15 -12.77 17.16
CA TYR B 116 3.82 -12.17 17.23
C TYR B 116 3.84 -10.80 16.58
N VAL B 117 2.67 -10.40 16.06
CA VAL B 117 2.47 -9.06 15.52
C VAL B 117 1.03 -8.66 15.78
N ALA B 118 0.81 -7.41 16.16
CA ALA B 118 -0.50 -6.93 16.57
C ALA B 118 -0.84 -5.63 15.86
N CYS B 119 -2.13 -5.36 15.76
CA CYS B 119 -2.62 -4.11 15.16
C CYS B 119 -4.03 -3.86 15.66
N GLY B 120 -4.48 -2.62 15.46
CA GLY B 120 -5.82 -2.24 15.90
C GLY B 120 -6.17 -0.87 15.38
N GLY B 121 -7.42 -0.48 15.64
CA GLY B 121 -7.90 0.81 15.19
C GLY B 121 -9.32 1.11 15.61
N LEU B 122 -10.14 1.61 14.68
CA LEU B 122 -11.50 1.98 15.01
C LEU B 122 -12.34 0.78 15.44
N ASP B 123 -11.89 -0.43 15.13
CA ASP B 123 -12.64 -1.63 15.52
C ASP B 123 -12.67 -1.83 17.03
N ASN B 124 -11.85 -1.11 17.79
CA ASN B 124 -11.81 -1.20 19.25
C ASN B 124 -11.34 -2.57 19.73
N ILE B 125 -10.61 -3.30 18.88
CA ILE B 125 -10.12 -4.64 19.20
C ILE B 125 -8.65 -4.70 18.86
N CYS B 126 -7.85 -5.23 19.79
CA CYS B 126 -6.41 -5.41 19.59
C CYS B 126 -6.19 -6.84 19.09
N SER B 127 -5.98 -6.98 17.79
CA SER B 127 -5.77 -8.29 17.19
C SER B 127 -4.32 -8.71 17.34
N ILE B 128 -4.11 -9.97 17.74
CA ILE B 128 -2.79 -10.55 17.91
C ILE B 128 -2.64 -11.66 16.89
N TYR B 129 -1.60 -11.59 16.06
CA TYR B 129 -1.39 -12.52 14.96
C TYR B 129 -0.13 -13.34 15.22
N ASN B 130 -0.19 -14.62 14.85
CA ASN B 130 0.94 -15.53 15.00
C ASN B 130 1.70 -15.61 13.69
N LEU B 131 3.00 -15.35 13.74
CA LEU B 131 3.86 -15.40 12.56
C LEU B 131 4.63 -16.70 12.43
N LYS B 132 4.44 -17.64 13.34
CA LYS B 132 5.15 -18.93 13.34
C LYS B 132 4.19 -20.07 13.61
N THR B 133 3.02 -20.02 12.96
CA THR B 133 2.01 -21.05 13.16
C THR B 133 2.40 -22.34 12.46
N ARG B 134 2.06 -23.46 13.10
CA ARG B 134 2.26 -24.76 12.46
C ARG B 134 1.37 -24.90 11.24
N GLU B 135 0.19 -24.26 11.25
CA GLU B 135 -0.69 -24.30 10.09
C GLU B 135 -0.03 -23.71 8.86
N GLY B 136 0.92 -22.79 9.05
CA GLY B 136 1.63 -22.18 7.94
C GLY B 136 1.15 -20.77 7.63
N ASN B 137 -0.16 -20.56 7.71
CA ASN B 137 -0.74 -19.25 7.44
C ASN B 137 -0.93 -18.49 8.75
N VAL B 138 -0.69 -17.18 8.70
CA VAL B 138 -0.84 -16.34 9.88
C VAL B 138 -2.31 -16.29 10.28
N ARG B 139 -2.58 -16.49 11.56
CA ARG B 139 -3.94 -16.46 12.08
C ARG B 139 -3.97 -15.65 13.37
N VAL B 140 -5.14 -15.09 13.68
CA VAL B 140 -5.28 -14.30 14.90
C VAL B 140 -5.28 -15.24 16.10
N SER B 141 -4.41 -14.94 17.07
CA SER B 141 -4.31 -15.78 18.27
C SER B 141 -5.46 -15.49 19.24
N ARG B 142 -5.56 -14.24 19.69
CA ARG B 142 -6.60 -13.86 20.62
C ARG B 142 -6.96 -12.39 20.38
N GLU B 143 -8.25 -12.10 20.29
CA GLU B 143 -8.74 -10.74 20.11
C GLU B 143 -8.88 -10.09 21.48
N LEU B 144 -7.95 -9.20 21.82
CA LEU B 144 -7.91 -8.57 23.13
C LEU B 144 -8.80 -7.32 23.11
N ALA B 145 -10.10 -7.56 23.14
CA ALA B 145 -11.09 -6.49 23.15
C ALA B 145 -11.41 -6.06 24.58
N GLY B 146 -12.11 -4.94 24.70
CA GLY B 146 -12.48 -4.41 25.99
C GLY B 146 -12.42 -2.91 26.06
N HIS B 147 -11.65 -2.30 25.17
CA HIS B 147 -11.56 -0.85 25.12
C HIS B 147 -12.83 -0.25 24.53
N THR B 148 -13.22 0.91 25.05
CA THR B 148 -14.39 1.64 24.57
C THR B 148 -13.99 2.84 23.70
N GLY B 149 -12.79 2.80 23.11
CA GLY B 149 -12.34 3.85 22.22
C GLY B 149 -11.37 3.29 21.21
N TYR B 150 -11.24 3.99 20.09
CA TYR B 150 -10.41 3.50 19.00
C TYR B 150 -8.96 3.40 19.43
N LEU B 151 -8.32 2.29 19.07
CA LEU B 151 -6.92 2.08 19.41
C LEU B 151 -6.04 3.07 18.64
N SER B 152 -5.07 3.65 19.34
CA SER B 152 -4.16 4.61 18.75
C SER B 152 -2.70 4.17 18.78
N CYS B 153 -2.31 3.29 19.68
CA CYS B 153 -0.94 2.80 19.71
C CYS B 153 -0.89 1.48 20.49
N CYS B 154 -0.14 0.52 19.96
CA CYS B 154 0.07 -0.77 20.60
C CYS B 154 1.55 -1.09 20.57
N ARG B 155 2.11 -1.44 21.71
CA ARG B 155 3.52 -1.82 21.82
C ARG B 155 3.64 -3.07 22.69
N PHE B 156 4.55 -3.96 22.29
CA PHE B 156 4.71 -5.24 22.96
C PHE B 156 5.69 -5.09 24.12
N LEU B 157 5.15 -5.09 25.34
CA LEU B 157 6.02 -5.07 26.51
C LEU B 157 6.87 -6.33 26.59
N ASP B 158 6.28 -7.48 26.27
CA ASP B 158 6.98 -8.75 26.31
C ASP B 158 6.29 -9.69 25.34
N ASP B 159 6.92 -10.84 25.09
CA ASP B 159 6.37 -11.80 24.15
C ASP B 159 5.01 -12.33 24.60
N ASN B 160 4.65 -12.17 25.88
CA ASN B 160 3.41 -12.71 26.40
C ASN B 160 2.52 -11.64 27.03
N GLN B 161 2.88 -10.36 26.91
CA GLN B 161 2.06 -9.29 27.46
C GLN B 161 2.34 -8.01 26.67
N ILE B 162 1.31 -7.18 26.54
CA ILE B 162 1.38 -5.97 25.73
C ILE B 162 0.73 -4.81 26.48
N VAL B 163 0.99 -3.60 26.00
CA VAL B 163 0.37 -2.38 26.52
C VAL B 163 -0.30 -1.68 25.35
N THR B 164 -1.55 -1.25 25.56
CA THR B 164 -2.36 -0.67 24.50
C THR B 164 -2.87 0.71 24.92
N SER B 165 -2.93 1.62 23.96
CA SER B 165 -3.50 2.94 24.14
C SER B 165 -4.69 3.11 23.21
N SER B 166 -5.79 3.62 23.74
CA SER B 166 -7.03 3.77 23.00
C SER B 166 -7.53 5.20 23.13
N GLY B 167 -8.60 5.50 22.37
CA GLY B 167 -9.20 6.81 22.39
C GLY B 167 -10.11 7.09 23.56
N ASP B 168 -10.31 6.11 24.44
CA ASP B 168 -11.16 6.25 25.61
C ASP B 168 -10.42 6.83 26.82
N THR B 169 -9.27 7.47 26.61
CA THR B 169 -8.51 8.13 27.68
C THR B 169 -7.91 7.16 28.67
N THR B 170 -7.80 5.87 28.32
CA THR B 170 -7.27 4.85 29.21
C THR B 170 -6.24 4.02 28.47
N CYS B 171 -5.14 3.69 29.17
CA CYS B 171 -4.13 2.77 28.67
C CYS B 171 -4.19 1.50 29.48
N ALA B 172 -4.30 0.37 28.80
CA ALA B 172 -4.49 -0.93 29.44
C ALA B 172 -3.37 -1.88 29.06
N LEU B 173 -2.88 -2.62 30.05
CA LEU B 173 -1.88 -3.66 29.85
C LEU B 173 -2.61 -5.00 29.75
N TRP B 174 -2.44 -5.66 28.61
CA TRP B 174 -3.20 -6.87 28.29
C TRP B 174 -2.31 -8.10 28.41
N ASP B 175 -2.82 -9.12 29.08
CA ASP B 175 -2.17 -10.42 29.13
C ASP B 175 -2.66 -11.27 27.96
N ILE B 176 -1.73 -11.83 27.19
CA ILE B 176 -2.08 -12.53 25.97
C ILE B 176 -2.93 -13.75 26.27
N GLU B 177 -2.38 -14.68 27.07
CA GLU B 177 -3.07 -15.95 27.29
C GLU B 177 -4.37 -15.75 28.05
N THR B 178 -4.39 -14.84 29.03
CA THR B 178 -5.58 -14.66 29.86
C THR B 178 -6.69 -13.95 29.10
N GLY B 179 -6.34 -13.06 28.16
CA GLY B 179 -7.36 -12.34 27.42
C GLY B 179 -8.06 -11.26 28.21
N GLN B 180 -7.44 -10.77 29.27
CA GLN B 180 -8.04 -9.72 30.11
C GLN B 180 -6.99 -8.66 30.40
N GLN B 181 -7.46 -7.44 30.64
CA GLN B 181 -6.58 -6.32 30.97
C GLN B 181 -6.18 -6.44 32.43
N THR B 182 -4.97 -6.94 32.68
CA THR B 182 -4.51 -7.12 34.05
C THR B 182 -4.32 -5.78 34.78
N THR B 183 -3.91 -4.74 34.07
CA THR B 183 -3.70 -3.43 34.68
C THR B 183 -4.33 -2.36 33.80
N THR B 184 -4.91 -1.35 34.43
CA THR B 184 -5.57 -0.24 33.74
C THR B 184 -4.96 1.06 34.21
N PHE B 185 -4.58 1.92 33.26
CA PHE B 185 -3.98 3.21 33.55
C PHE B 185 -4.95 4.31 33.15
N THR B 186 -5.31 5.16 34.10
CA THR B 186 -6.26 6.24 33.87
C THR B 186 -5.74 7.51 34.51
N GLY B 187 -6.23 8.65 34.00
CA GLY B 187 -5.81 9.95 34.50
C GLY B 187 -5.65 10.98 33.41
N HIS B 188 -5.85 10.58 32.15
CA HIS B 188 -5.76 11.51 31.04
C HIS B 188 -7.08 12.24 30.86
N THR B 189 -7.01 13.57 30.74
CA THR B 189 -8.21 14.36 30.50
C THR B 189 -8.75 14.19 29.08
N GLY B 190 -7.89 13.80 28.14
CA GLY B 190 -8.30 13.58 26.76
C GLY B 190 -7.84 12.22 26.26
N ASP B 191 -8.29 11.90 25.05
CA ASP B 191 -7.95 10.63 24.44
C ASP B 191 -6.44 10.52 24.23
N VAL B 192 -5.87 9.38 24.63
CA VAL B 192 -4.43 9.15 24.55
C VAL B 192 -4.11 8.52 23.20
N MET B 193 -3.14 9.11 22.51
CA MET B 193 -2.83 8.71 21.13
C MET B 193 -1.57 7.89 21.00
N SER B 194 -0.44 8.33 21.55
CA SER B 194 0.84 7.68 21.33
C SER B 194 1.38 7.12 22.64
N LEU B 195 2.29 6.17 22.52
CA LEU B 195 2.87 5.47 23.66
C LEU B 195 4.23 4.93 23.27
N SER B 196 5.19 5.03 24.19
CA SER B 196 6.55 4.54 23.96
C SER B 196 7.00 3.74 25.17
N LEU B 197 7.81 2.72 24.90
CA LEU B 197 8.33 1.83 25.94
C LEU B 197 9.78 2.20 26.25
N ALA B 198 10.12 2.24 27.52
CA ALA B 198 11.48 2.53 27.93
C ALA B 198 12.40 1.36 27.58
N PRO B 199 13.70 1.63 27.41
CA PRO B 199 14.62 0.53 27.07
C PRO B 199 14.63 -0.58 28.11
N ASP B 200 14.46 -0.25 29.39
CA ASP B 200 14.48 -1.24 30.45
C ASP B 200 13.14 -1.94 30.64
N THR B 201 12.10 -1.54 29.91
CA THR B 201 10.75 -2.10 30.00
C THR B 201 10.10 -1.80 31.35
N ARG B 202 10.69 -0.91 32.14
CA ARG B 202 10.16 -0.59 33.47
C ARG B 202 9.14 0.53 33.43
N LEU B 203 9.25 1.45 32.48
CA LEU B 203 8.38 2.62 32.39
C LEU B 203 7.97 2.84 30.95
N PHE B 204 6.80 3.46 30.77
CA PHE B 204 6.33 3.87 29.46
C PHE B 204 5.59 5.20 29.59
N VAL B 205 5.66 6.01 28.53
CA VAL B 205 5.09 7.35 28.51
C VAL B 205 4.10 7.43 27.36
N SER B 206 2.98 8.11 27.61
CA SER B 206 1.93 8.27 26.61
C SER B 206 1.47 9.72 26.58
N GLY B 207 0.94 10.13 25.43
CA GLY B 207 0.46 11.49 25.26
C GLY B 207 -0.97 11.48 24.75
N ALA B 208 -1.70 12.54 25.11
CA ALA B 208 -3.11 12.65 24.80
C ALA B 208 -3.41 14.05 24.27
N CYS B 209 -4.66 14.24 23.84
CA CYS B 209 -5.10 15.53 23.34
C CYS B 209 -5.16 16.60 24.43
N ASP B 210 -5.05 16.22 25.70
CA ASP B 210 -5.03 17.19 26.79
C ASP B 210 -3.73 17.99 26.86
N ALA B 211 -2.83 17.85 25.88
CA ALA B 211 -1.58 18.58 25.82
C ALA B 211 -0.65 18.23 26.98
N SER B 212 -0.75 17.03 27.52
CA SER B 212 0.10 16.59 28.62
C SER B 212 0.60 15.18 28.33
N ALA B 213 1.83 14.91 28.77
CA ALA B 213 2.44 13.60 28.66
C ALA B 213 2.50 12.97 30.04
N LYS B 214 2.08 11.71 30.13
CA LYS B 214 2.01 10.99 31.40
C LYS B 214 3.00 9.84 31.40
N LEU B 215 3.73 9.70 32.50
CA LEU B 215 4.65 8.59 32.71
C LEU B 215 4.02 7.62 33.71
N TRP B 216 3.98 6.35 33.34
CA TRP B 216 3.31 5.31 34.12
C TRP B 216 4.28 4.20 34.48
N ASP B 217 3.99 3.52 35.58
CA ASP B 217 4.77 2.39 36.03
C ASP B 217 4.20 1.11 35.44
N VAL B 218 5.07 0.28 34.88
CA VAL B 218 4.61 -0.93 34.19
C VAL B 218 3.91 -1.87 35.15
N ARG B 219 4.51 -2.09 36.32
CA ARG B 219 3.99 -3.08 37.27
C ARG B 219 3.23 -2.46 38.43
N GLU B 220 3.64 -1.29 38.92
CA GLU B 220 2.93 -0.67 40.03
C GLU B 220 1.50 -0.31 39.68
N GLY B 221 1.20 -0.13 38.40
CA GLY B 221 -0.16 0.19 37.99
C GLY B 221 -0.64 1.55 38.42
N MET B 222 0.28 2.50 38.63
CA MET B 222 -0.07 3.82 39.09
C MET B 222 0.72 4.86 38.29
N CYS B 223 0.15 6.06 38.20
CA CYS B 223 0.84 7.16 37.53
C CYS B 223 2.08 7.55 38.32
N ARG B 224 3.12 7.97 37.60
CA ARG B 224 4.39 8.38 38.19
C ARG B 224 4.71 9.85 38.00
N GLN B 225 4.51 10.37 36.79
CA GLN B 225 4.94 11.73 36.47
C GLN B 225 4.09 12.26 35.34
N THR B 226 3.91 13.58 35.31
CA THR B 226 3.12 14.25 34.27
C THR B 226 3.91 15.42 33.73
N PHE B 227 3.74 15.70 32.44
CA PHE B 227 4.42 16.79 31.76
C PHE B 227 3.40 17.63 31.01
N THR B 228 3.61 18.95 31.01
CA THR B 228 2.75 19.88 30.30
C THR B 228 3.61 20.93 29.61
N GLY B 229 3.00 21.63 28.65
CA GLY B 229 3.70 22.66 27.92
C GLY B 229 3.31 22.74 26.47
N HIS B 230 2.74 21.65 25.93
CA HIS B 230 2.29 21.66 24.55
C HIS B 230 1.08 22.58 24.39
N GLU B 231 1.05 23.30 23.27
CA GLU B 231 -0.04 24.23 23.01
C GLU B 231 -1.21 23.59 22.27
N SER B 232 -1.08 22.34 21.85
CA SER B 232 -2.14 21.66 21.11
C SER B 232 -2.09 20.17 21.43
N ASP B 233 -2.80 19.38 20.63
CA ASP B 233 -2.88 17.95 20.87
C ASP B 233 -1.54 17.28 20.65
N ILE B 234 -1.26 16.25 21.45
CA ILE B 234 -0.05 15.45 21.32
C ILE B 234 -0.33 14.29 20.36
N ASN B 235 0.62 14.05 19.45
CA ASN B 235 0.47 13.03 18.43
C ASN B 235 1.54 11.96 18.46
N ALA B 236 2.77 12.29 18.84
CA ALA B 236 3.87 11.34 18.82
C ALA B 236 4.70 11.49 20.09
N ILE B 237 5.37 10.40 20.46
CA ILE B 237 6.21 10.38 21.65
C ILE B 237 7.12 9.16 21.56
N CYS B 238 8.39 9.34 21.93
CA CYS B 238 9.35 8.26 21.89
C CYS B 238 10.43 8.50 22.94
N PHE B 239 10.95 7.40 23.49
CA PHE B 239 11.97 7.47 24.52
C PHE B 239 13.34 7.78 23.92
N PHE B 240 14.15 8.52 24.69
CA PHE B 240 15.55 8.67 24.37
C PHE B 240 16.25 7.32 24.51
N PRO B 241 17.26 7.03 23.68
CA PRO B 241 17.88 5.70 23.76
C PRO B 241 18.37 5.33 25.15
N ASN B 242 18.90 6.30 25.90
CA ASN B 242 19.29 6.04 27.28
C ASN B 242 18.09 5.69 28.15
N GLY B 243 16.88 6.08 27.73
CA GLY B 243 15.68 5.79 28.48
C GLY B 243 15.33 6.78 29.55
N ASN B 244 16.18 7.78 29.80
CA ASN B 244 15.95 8.76 30.85
C ASN B 244 15.37 10.06 30.31
N ALA B 245 15.00 10.11 29.03
CA ALA B 245 14.38 11.29 28.44
C ALA B 245 13.53 10.84 27.26
N PHE B 246 12.65 11.73 26.80
CA PHE B 246 11.77 11.41 25.70
C PHE B 246 11.34 12.70 25.01
N ALA B 247 11.15 12.60 23.69
CA ALA B 247 10.68 13.71 22.88
C ALA B 247 9.22 13.51 22.50
N THR B 248 8.45 14.59 22.56
CA THR B 248 7.01 14.54 22.28
C THR B 248 6.68 15.50 21.14
N GLY B 249 5.80 15.07 20.26
CA GLY B 249 5.33 15.87 19.14
C GLY B 249 3.90 16.31 19.35
N SER B 250 3.58 17.50 18.85
CA SER B 250 2.25 18.07 19.01
C SER B 250 1.80 18.70 17.71
N ASP B 251 0.49 18.90 17.59
CA ASP B 251 -0.09 19.51 16.41
C ASP B 251 0.27 20.98 16.26
N ASP B 252 0.85 21.60 17.29
CA ASP B 252 1.22 23.01 17.27
C ASP B 252 2.52 23.27 16.50
N ALA B 253 3.00 22.31 15.72
CA ALA B 253 4.20 22.47 14.90
C ALA B 253 5.45 22.66 15.75
N THR B 254 5.48 22.07 16.94
CA THR B 254 6.64 22.14 17.82
C THR B 254 6.91 20.77 18.42
N CYS B 255 8.19 20.44 18.55
CA CYS B 255 8.64 19.20 19.18
C CYS B 255 9.43 19.56 20.43
N ARG B 256 9.09 18.92 21.55
CA ARG B 256 9.68 19.24 22.84
C ARG B 256 10.29 17.98 23.44
N LEU B 257 11.46 18.15 24.06
CA LEU B 257 12.18 17.07 24.71
C LEU B 257 12.05 17.23 26.22
N PHE B 258 11.65 16.16 26.90
CA PHE B 258 11.50 16.13 28.35
C PHE B 258 12.39 15.06 28.94
N ASP B 259 13.04 15.38 30.05
CA ASP B 259 13.89 14.43 30.77
C ASP B 259 13.16 14.00 32.04
N LEU B 260 13.10 12.68 32.27
CA LEU B 260 12.37 12.18 33.42
C LEU B 260 12.97 12.69 34.74
N ARG B 261 14.30 12.67 34.85
CA ARG B 261 14.93 13.15 36.07
C ARG B 261 14.78 14.66 36.24
N ALA B 262 15.06 15.43 35.19
CA ALA B 262 14.92 16.88 35.29
C ALA B 262 13.47 17.27 35.53
N ASP B 263 12.52 16.58 34.89
CA ASP B 263 11.09 16.75 35.16
C ASP B 263 10.70 18.20 34.89
N GLN B 264 10.97 18.66 33.68
CA GLN B 264 10.63 20.02 33.26
C GLN B 264 10.99 20.17 31.79
N GLU B 265 10.43 21.21 31.17
CA GLU B 265 10.69 21.48 29.76
C GLU B 265 12.18 21.69 29.54
N LEU B 266 12.82 20.74 28.84
CA LEU B 266 14.27 20.81 28.62
C LEU B 266 14.61 21.66 27.39
N MET B 267 14.09 21.29 26.23
CA MET B 267 14.37 22.01 25.00
C MET B 267 13.21 21.80 24.03
N THR B 268 12.90 22.84 23.26
CA THR B 268 11.82 22.82 22.29
C THR B 268 12.39 23.08 20.91
N TYR B 269 11.98 22.27 19.93
CA TYR B 269 12.43 22.40 18.55
C TYR B 269 11.29 22.99 17.72
N SER B 270 11.58 24.10 17.04
CA SER B 270 10.58 24.75 16.21
C SER B 270 11.28 25.66 15.21
N HIS B 271 10.59 25.93 14.10
CA HIS B 271 11.09 26.83 13.07
C HIS B 271 9.94 27.71 12.60
N ASP B 272 10.27 28.92 12.16
CA ASP B 272 9.25 29.87 11.73
C ASP B 272 8.48 29.33 10.53
N ASN B 273 9.17 28.72 9.57
CA ASN B 273 8.56 28.26 8.34
C ASN B 273 7.82 26.92 8.50
N ILE B 274 7.71 26.40 9.71
CA ILE B 274 7.00 25.16 9.98
C ILE B 274 5.70 25.52 10.68
N ILE B 275 4.57 25.18 10.05
CA ILE B 275 3.25 25.42 10.61
C ILE B 275 2.44 24.15 10.77
N CYS B 276 2.82 23.06 10.12
CA CYS B 276 2.09 21.81 10.17
C CYS B 276 2.36 21.09 11.49
N GLY B 277 1.50 20.11 11.78
CA GLY B 277 1.67 19.31 12.98
C GLY B 277 2.69 18.20 12.81
N ILE B 278 2.95 17.50 13.90
CA ILE B 278 3.90 16.39 13.94
C ILE B 278 3.13 15.11 14.21
N THR B 279 3.38 14.08 13.40
CA THR B 279 2.67 12.82 13.50
C THR B 279 3.50 11.69 14.11
N SER B 280 4.82 11.68 13.91
CA SER B 280 5.66 10.62 14.44
C SER B 280 7.00 11.22 14.86
N VAL B 281 7.54 10.69 15.96
CA VAL B 281 8.83 11.12 16.47
C VAL B 281 9.64 9.89 16.84
N SER B 282 10.92 9.89 16.49
CA SER B 282 11.80 8.78 16.80
C SER B 282 13.21 9.31 17.05
N PHE B 283 13.99 8.53 17.79
CA PHE B 283 15.35 8.90 18.17
C PHE B 283 16.35 7.95 17.51
N SER B 284 17.51 8.51 17.14
CA SER B 284 18.59 7.69 16.64
C SER B 284 19.20 6.86 17.76
N LYS B 285 20.03 5.88 17.38
CA LYS B 285 20.61 4.99 18.38
C LYS B 285 21.45 5.77 19.38
N SER B 286 22.29 6.69 18.90
CA SER B 286 23.11 7.51 19.79
C SER B 286 22.32 8.62 20.45
N GLY B 287 21.14 8.96 19.92
CA GLY B 287 20.33 10.02 20.49
C GLY B 287 20.70 11.41 20.06
N ARG B 288 21.75 11.57 19.25
CA ARG B 288 22.13 12.91 18.80
C ARG B 288 21.17 13.45 17.74
N LEU B 289 20.55 12.55 16.97
CA LEU B 289 19.64 12.94 15.90
C LEU B 289 18.21 12.65 16.31
N LEU B 290 17.35 13.66 16.20
CA LEU B 290 15.93 13.52 16.47
C LEU B 290 15.18 13.62 15.15
N LEU B 291 14.42 12.58 14.82
CA LEU B 291 13.69 12.50 13.56
C LEU B 291 12.20 12.57 13.86
N ALA B 292 11.51 13.54 13.25
CA ALA B 292 10.10 13.76 13.48
C ALA B 292 9.37 13.93 12.15
N GLY B 293 8.24 13.26 12.00
CA GLY B 293 7.44 13.36 10.79
C GLY B 293 6.52 14.58 10.84
N TYR B 294 6.33 15.20 9.67
CA TYR B 294 5.53 16.40 9.55
C TYR B 294 4.51 16.24 8.43
N ASP B 295 3.42 17.00 8.53
CA ASP B 295 2.31 16.88 7.58
C ASP B 295 2.53 17.67 6.30
N ASP B 296 3.68 18.35 6.16
CA ASP B 296 4.00 19.10 4.95
C ASP B 296 4.65 18.22 3.89
N PHE B 297 4.48 16.90 3.97
CA PHE B 297 4.95 15.94 2.98
C PHE B 297 6.46 15.72 3.02
N ASN B 298 7.11 16.01 4.15
CA ASN B 298 8.52 15.69 4.30
C ASN B 298 8.85 15.58 5.77
N CYS B 299 9.99 14.96 6.05
CA CYS B 299 10.49 14.77 7.41
C CYS B 299 11.78 15.57 7.58
N ASN B 300 11.89 16.25 8.73
CA ASN B 300 13.04 17.09 9.04
C ASN B 300 13.83 16.50 10.19
N VAL B 301 15.16 16.49 10.05
CA VAL B 301 16.05 15.98 11.08
C VAL B 301 16.38 17.12 12.04
N TRP B 302 16.20 16.87 13.33
CA TRP B 302 16.44 17.86 14.37
C TRP B 302 17.58 17.37 15.27
N ASP B 303 18.53 18.26 15.54
CA ASP B 303 19.63 17.94 16.44
C ASP B 303 19.10 17.91 17.87
N ALA B 304 19.20 16.75 18.52
CA ALA B 304 18.62 16.59 19.84
C ALA B 304 19.22 17.54 20.85
N LEU B 305 20.49 17.93 20.67
CA LEU B 305 21.19 18.78 21.61
C LEU B 305 21.16 20.25 21.23
N LYS B 306 21.60 20.60 20.02
CA LYS B 306 21.65 21.98 19.58
C LYS B 306 20.33 22.48 19.01
N ALA B 307 19.37 21.59 18.78
CA ALA B 307 18.05 21.96 18.26
C ALA B 307 18.13 22.65 16.90
N ASP B 308 19.12 22.29 16.08
CA ASP B 308 19.25 22.82 14.74
C ASP B 308 18.72 21.82 13.72
N ARG B 309 18.28 22.34 12.57
CA ARG B 309 17.79 21.50 11.48
C ARG B 309 18.97 20.84 10.81
N ALA B 310 19.27 19.60 11.22
CA ALA B 310 20.43 18.89 10.69
C ALA B 310 20.21 18.37 9.28
N GLY B 311 18.96 18.23 8.84
CA GLY B 311 18.70 17.72 7.52
C GLY B 311 17.21 17.63 7.26
N VAL B 312 16.88 17.35 6.01
CA VAL B 312 15.50 17.22 5.56
C VAL B 312 15.37 15.94 4.74
N LEU B 313 14.37 15.14 5.06
CA LEU B 313 14.03 13.93 4.31
C LEU B 313 12.75 14.19 3.54
N ALA B 314 12.80 14.04 2.22
CA ALA B 314 11.65 14.32 1.36
C ALA B 314 11.55 13.25 0.29
N GLY B 315 10.39 13.19 -0.34
CA GLY B 315 10.14 12.22 -1.39
C GLY B 315 8.72 11.70 -1.38
N HIS B 316 8.03 11.85 -0.26
CA HIS B 316 6.65 11.43 -0.14
C HIS B 316 5.73 12.54 -0.62
N ASP B 317 4.67 12.16 -1.34
CA ASP B 317 3.72 13.12 -1.90
C ASP B 317 2.54 13.39 -0.97
N ASN B 318 2.52 12.82 0.23
CA ASN B 318 1.44 13.03 1.18
C ASN B 318 2.03 13.07 2.58
N ARG B 319 1.16 13.26 3.57
CA ARG B 319 1.60 13.37 4.95
C ARG B 319 2.33 12.10 5.39
N VAL B 320 3.46 12.29 6.07
CA VAL B 320 4.19 11.17 6.64
C VAL B 320 3.55 10.83 7.99
N SER B 321 3.11 9.58 8.14
CA SER B 321 2.36 9.18 9.31
C SER B 321 3.18 8.36 10.30
N CYS B 322 4.23 7.69 9.84
CA CYS B 322 5.00 6.80 10.70
C CYS B 322 6.45 6.80 10.27
N LEU B 323 7.33 6.58 11.24
CA LEU B 323 8.76 6.45 10.99
C LEU B 323 9.41 5.80 12.19
N GLY B 324 10.48 5.06 11.94
CA GLY B 324 11.18 4.37 13.01
C GLY B 324 12.61 4.09 12.61
N VAL B 325 13.47 4.04 13.62
CA VAL B 325 14.90 3.81 13.43
C VAL B 325 15.22 2.39 13.88
N THR B 326 15.98 1.67 13.06
CA THR B 326 16.34 0.29 13.38
C THR B 326 17.09 0.24 14.70
N ASP B 327 16.96 -0.90 15.40
CA ASP B 327 17.63 -1.05 16.69
C ASP B 327 19.13 -0.83 16.56
N ASP B 328 19.72 -1.20 15.42
CA ASP B 328 21.14 -0.97 15.19
C ASP B 328 21.43 0.42 14.65
N GLY B 329 20.41 1.20 14.31
CA GLY B 329 20.62 2.54 13.80
C GLY B 329 21.10 2.59 12.36
N MET B 330 21.09 1.47 11.65
CA MET B 330 21.58 1.46 10.27
C MET B 330 20.72 2.31 9.36
N ALA B 331 19.40 2.27 9.51
CA ALA B 331 18.51 3.00 8.63
C ALA B 331 17.24 3.39 9.38
N VAL B 332 16.55 4.38 8.84
CA VAL B 332 15.29 4.87 9.39
C VAL B 332 14.23 4.77 8.31
N ALA B 333 13.09 4.16 8.63
CA ALA B 333 11.99 4.03 7.70
C ALA B 333 11.03 5.20 7.84
N THR B 334 10.31 5.47 6.76
CA THR B 334 9.31 6.53 6.75
C THR B 334 8.09 6.04 5.99
N GLY B 335 6.91 6.34 6.53
CA GLY B 335 5.66 5.97 5.89
C GLY B 335 4.71 7.14 5.83
N SER B 336 3.97 7.20 4.72
CA SER B 336 3.07 8.33 4.45
C SER B 336 1.76 7.79 3.90
N TRP B 337 0.79 8.69 3.78
CA TRP B 337 -0.55 8.34 3.33
C TRP B 337 -0.63 8.05 1.84
N ASP B 338 0.50 8.04 1.13
CA ASP B 338 0.51 7.78 -0.30
C ASP B 338 0.74 6.30 -0.63
N SER B 339 0.80 5.44 0.39
CA SER B 339 0.98 4.00 0.22
C SER B 339 2.41 3.62 -0.15
N PHE B 340 3.39 4.46 0.20
CA PHE B 340 4.78 4.21 -0.10
C PHE B 340 5.61 4.26 1.18
N LEU B 341 6.53 3.31 1.32
CA LEU B 341 7.46 3.27 2.44
C LEU B 341 8.87 3.42 1.90
N LYS B 342 9.66 4.30 2.53
CA LYS B 342 11.01 4.61 2.08
C LYS B 342 11.98 4.39 3.22
N ILE B 343 13.07 3.68 2.94
CA ILE B 343 14.14 3.43 3.90
C ILE B 343 15.28 4.38 3.60
N TRP B 344 15.79 5.05 4.65
CA TRP B 344 16.84 6.04 4.51
C TRP B 344 18.09 5.60 5.24
N ASN B 345 19.24 5.96 4.69
CA ASN B 345 20.53 5.62 5.29
C ASN B 345 21.64 6.48 4.70
N ALA C 7 -20.88 13.74 42.75
CA ALA C 7 -20.37 13.20 41.45
C ALA C 7 -18.92 13.66 41.22
N SER C 8 -18.72 14.98 41.16
CA SER C 8 -17.38 15.52 40.96
C SER C 8 -16.49 15.37 42.18
N ILE C 9 -17.05 14.96 43.31
CA ILE C 9 -16.24 14.81 44.53
C ILE C 9 -15.15 13.77 44.31
N ALA C 10 -15.51 12.63 43.72
CA ALA C 10 -14.52 11.58 43.48
C ALA C 10 -13.43 12.04 42.53
N GLN C 11 -13.82 12.72 41.45
CA GLN C 11 -12.83 13.21 40.48
C GLN C 11 -11.89 14.20 41.13
N ALA C 12 -12.43 15.14 41.92
CA ALA C 12 -11.58 16.12 42.60
C ALA C 12 -10.64 15.43 43.58
N ARG C 13 -11.14 14.43 44.32
CA ARG C 13 -10.29 13.72 45.26
C ARG C 13 -9.15 13.00 44.54
N LYS C 14 -9.46 12.34 43.43
CA LYS C 14 -8.42 11.64 42.68
C LYS C 14 -7.39 12.63 42.14
N LEU C 15 -7.85 13.77 41.60
CA LEU C 15 -6.90 14.75 41.06
C LEU C 15 -5.99 15.29 42.15
N VAL C 16 -6.55 15.64 43.30
CA VAL C 16 -5.74 16.21 44.37
C VAL C 16 -4.77 15.14 44.91
N GLU C 17 -5.23 13.89 45.01
CA GLU C 17 -4.34 12.82 45.45
C GLU C 17 -3.19 12.63 44.47
N GLN C 18 -3.47 12.66 43.17
CA GLN C 18 -2.42 12.51 42.17
C GLN C 18 -1.42 13.64 42.26
N LEU C 19 -1.89 14.88 42.38
CA LEU C 19 -0.98 16.01 42.48
C LEU C 19 -0.15 15.92 43.76
N LYS C 20 -0.77 15.54 44.88
CA LYS C 20 -0.02 15.42 46.13
C LYS C 20 1.05 14.34 46.02
N MET C 21 0.72 13.20 45.41
CA MET C 21 1.71 12.15 45.22
C MET C 21 2.85 12.63 44.33
N GLU C 22 2.52 13.36 43.26
CA GLU C 22 3.55 13.87 42.37
C GLU C 22 4.40 14.95 43.03
N ALA C 23 3.89 15.61 44.07
CA ALA C 23 4.65 16.67 44.72
C ALA C 23 5.94 16.14 45.32
N ASN C 24 5.88 14.98 45.98
CA ASN C 24 7.06 14.40 46.63
C ASN C 24 7.68 13.37 45.70
N ILE C 25 8.60 13.85 44.87
CA ILE C 25 9.29 13.03 43.88
C ILE C 25 10.74 13.53 43.76
N ASP C 26 11.51 12.87 42.91
CA ASP C 26 12.90 13.24 42.72
C ASP C 26 13.01 14.62 42.09
N ARG C 27 14.16 15.26 42.29
CA ARG C 27 14.38 16.62 41.82
C ARG C 27 15.87 16.86 41.67
N ILE C 28 16.31 17.18 40.45
CA ILE C 28 17.71 17.47 40.17
C ILE C 28 17.80 18.70 39.29
N LYS C 29 19.01 19.24 39.19
CA LYS C 29 19.25 20.40 38.34
C LYS C 29 19.21 20.01 36.86
N VAL C 30 18.81 20.96 36.02
CA VAL C 30 18.77 20.72 34.58
C VAL C 30 20.18 20.52 34.03
N SER C 31 21.18 21.14 34.66
CA SER C 31 22.55 21.00 34.17
C SER C 31 23.01 19.55 34.21
N LYS C 32 22.65 18.84 35.27
CA LYS C 32 23.04 17.43 35.36
C LYS C 32 22.41 16.60 34.23
N ALA C 33 21.13 16.86 33.94
CA ALA C 33 20.48 16.15 32.84
C ALA C 33 21.13 16.48 31.51
N ALA C 34 21.45 17.75 31.29
CA ALA C 34 22.12 18.12 30.05
C ALA C 34 23.48 17.45 29.93
N ALA C 35 24.24 17.40 31.01
CA ALA C 35 25.55 16.75 30.99
C ALA C 35 25.40 15.26 30.71
N ASP C 36 24.41 14.61 31.32
CA ASP C 36 24.20 13.19 31.08
C ASP C 36 23.83 12.94 29.62
N LEU C 37 22.95 13.77 29.06
CA LEU C 37 22.58 13.60 27.65
C LEU C 37 23.79 13.81 26.74
N MET C 38 24.60 14.82 27.03
CA MET C 38 25.79 15.07 26.22
C MET C 38 26.75 13.89 26.30
N ALA C 39 26.96 13.36 27.50
CA ALA C 39 27.86 12.22 27.65
C ALA C 39 27.35 11.00 26.90
N TYR C 40 26.04 10.73 26.99
CA TYR C 40 25.48 9.60 26.25
C TYR C 40 25.64 9.79 24.75
N CYS C 41 25.37 11.01 24.26
CA CYS C 41 25.50 11.26 22.83
C CYS C 41 26.94 11.09 22.36
N GLU C 42 27.90 11.59 23.13
CA GLU C 42 29.29 11.52 22.71
C GLU C 42 29.83 10.09 22.80
N ALA C 43 29.44 9.35 23.83
CA ALA C 43 29.95 7.99 24.00
C ALA C 43 29.56 7.10 22.84
N HIS C 44 28.31 7.21 22.38
CA HIS C 44 27.78 6.34 21.34
C HIS C 44 27.82 7.00 19.96
N ALA C 45 28.49 8.14 19.83
CA ALA C 45 28.53 8.83 18.54
C ALA C 45 29.23 7.97 17.48
N LYS C 46 30.32 7.31 17.85
CA LYS C 46 31.10 6.56 16.87
C LYS C 46 30.33 5.40 16.27
N GLU C 47 29.27 4.93 16.93
CA GLU C 47 28.52 3.76 16.48
C GLU C 47 27.11 4.11 16.00
N ASP C 48 26.93 5.33 15.49
CA ASP C 48 25.65 5.76 14.94
C ASP C 48 25.81 5.96 13.43
N PRO C 49 25.36 4.99 12.61
CA PRO C 49 25.56 5.15 11.16
C PRO C 49 24.92 6.41 10.59
N LEU C 50 23.76 6.82 11.11
CA LEU C 50 23.11 8.02 10.59
C LEU C 50 23.94 9.27 10.90
N LEU C 51 24.53 9.33 12.10
CA LEU C 51 25.32 10.51 12.46
C LEU C 51 26.52 10.68 11.53
N THR C 52 27.21 9.58 11.23
CA THR C 52 28.37 9.61 10.34
C THR C 52 28.21 8.50 9.30
N PRO C 53 28.29 8.83 8.00
CA PRO C 53 28.13 7.77 7.00
C PRO C 53 29.11 6.64 7.21
N VAL C 54 28.64 5.41 7.01
CA VAL C 54 29.44 4.21 7.16
C VAL C 54 29.91 3.75 5.79
N PRO C 55 31.00 2.99 5.69
CA PRO C 55 31.46 2.53 4.39
C PRO C 55 30.41 1.69 3.69
N ALA C 56 30.37 1.80 2.36
CA ALA C 56 29.35 1.09 1.58
C ALA C 56 29.44 -0.42 1.80
N SER C 57 30.65 -0.94 2.01
CA SER C 57 30.80 -2.38 2.21
C SER C 57 30.07 -2.84 3.47
N GLU C 58 30.19 -2.07 4.55
CA GLU C 58 29.51 -2.44 5.79
C GLU C 58 28.02 -2.17 5.73
N ASN C 59 27.61 -1.15 4.98
CA ASN C 59 26.19 -0.81 4.89
C ASN C 59 25.45 -1.88 4.10
N PRO C 60 24.39 -2.48 4.64
CA PRO C 60 23.64 -3.47 3.85
C PRO C 60 22.77 -2.86 2.77
N PHE C 61 22.44 -1.57 2.87
CA PHE C 61 21.61 -0.90 1.87
C PHE C 61 22.49 -0.34 0.76
N ARG C 62 23.11 -1.27 0.03
CA ARG C 62 23.99 -0.89 -1.07
C ARG C 62 23.17 -0.58 -2.32
N GLU C 63 23.86 -0.04 -3.33
CA GLU C 63 23.20 0.33 -4.57
C GLU C 63 22.69 -0.92 -5.28
N LYS C 64 21.53 -0.77 -5.93
CA LYS C 64 20.91 -1.88 -6.65
C LYS C 64 21.79 -2.31 -7.83
N VAL D 2 -1.02 -31.42 11.69
CA VAL D 2 -0.40 -31.54 10.34
C VAL D 2 -0.26 -33.02 9.96
N GLN D 3 -0.77 -33.38 8.79
CA GLN D 3 -0.71 -34.75 8.30
C GLN D 3 -0.50 -34.74 6.80
N LEU D 4 0.35 -35.65 6.33
CA LEU D 4 0.56 -35.88 4.91
C LEU D 4 0.33 -37.36 4.62
N VAL D 5 -0.59 -37.64 3.70
CA VAL D 5 -0.96 -39.01 3.35
C VAL D 5 -0.72 -39.18 1.85
N GLU D 6 0.18 -40.09 1.51
CA GLU D 6 0.49 -40.40 0.12
C GLU D 6 0.27 -41.89 -0.15
N SER D 7 -0.21 -42.19 -1.35
CA SER D 7 -0.52 -43.56 -1.73
C SER D 7 -0.41 -43.69 -3.24
N GLY D 8 -0.36 -44.94 -3.70
CA GLY D 8 -0.24 -45.23 -5.12
C GLY D 8 0.90 -46.18 -5.42
N GLY D 9 1.41 -46.86 -4.40
CA GLY D 9 2.48 -47.80 -4.57
C GLY D 9 1.98 -49.16 -5.04
N GLY D 10 2.92 -50.09 -5.16
CA GLY D 10 2.65 -51.44 -5.58
C GLY D 10 3.72 -51.94 -6.52
N LEU D 11 3.40 -53.01 -7.25
CA LEU D 11 4.32 -53.61 -8.20
C LEU D 11 4.09 -53.03 -9.58
N VAL D 12 5.16 -52.55 -10.21
CA VAL D 12 5.11 -51.99 -11.56
C VAL D 12 6.15 -52.69 -12.41
N GLN D 13 5.72 -53.20 -13.57
CA GLN D 13 6.66 -53.83 -14.48
C GLN D 13 7.57 -52.76 -15.11
N PRO D 14 8.77 -53.14 -15.52
CA PRO D 14 9.67 -52.15 -16.14
C PRO D 14 9.02 -51.53 -17.36
N GLY D 15 9.19 -50.21 -17.51
CA GLY D 15 8.58 -49.47 -18.59
C GLY D 15 7.13 -49.11 -18.36
N GLY D 16 6.57 -49.41 -17.20
CA GLY D 16 5.18 -49.12 -16.91
C GLY D 16 4.97 -47.68 -16.46
N SER D 17 3.75 -47.43 -15.99
CA SER D 17 3.36 -46.09 -15.56
C SER D 17 2.55 -46.20 -14.28
N ARG D 18 2.54 -45.11 -13.51
CA ARG D 18 1.79 -45.04 -12.27
C ARG D 18 1.46 -43.58 -12.00
N LYS D 19 0.49 -43.37 -11.11
CA LYS D 19 0.05 -42.02 -10.72
C LYS D 19 0.06 -41.96 -9.20
N LEU D 20 1.15 -41.43 -8.64
CA LEU D 20 1.24 -41.26 -7.20
C LEU D 20 0.55 -39.97 -6.77
N SER D 21 0.03 -39.96 -5.55
CA SER D 21 -0.67 -38.81 -5.01
C SER D 21 -0.25 -38.59 -3.56
N CYS D 22 -0.35 -37.34 -3.12
CA CYS D 22 -0.05 -36.96 -1.74
C CYS D 22 -1.12 -36.01 -1.26
N SER D 23 -1.77 -36.36 -0.16
CA SER D 23 -2.88 -35.57 0.38
C SER D 23 -2.34 -34.62 1.45
N ALA D 24 -2.73 -33.35 1.34
CA ALA D 24 -2.29 -32.32 2.26
C ALA D 24 -3.45 -31.92 3.17
N SER D 25 -3.20 -31.89 4.47
CA SER D 25 -4.21 -31.49 5.45
C SER D 25 -3.53 -30.88 6.65
N GLY D 26 -4.26 -30.00 7.35
CA GLY D 26 -3.75 -29.39 8.56
C GLY D 26 -2.83 -28.22 8.35
N PHE D 27 -2.66 -27.74 7.13
CA PHE D 27 -1.79 -26.60 6.86
C PHE D 27 -2.22 -25.94 5.56
N ALA D 28 -1.75 -24.72 5.36
CA ALA D 28 -2.08 -23.93 4.16
C ALA D 28 -1.27 -24.48 2.99
N PHE D 29 -1.77 -25.58 2.43
CA PHE D 29 -1.09 -26.20 1.29
C PHE D 29 -1.09 -25.28 0.08
N SER D 30 -2.10 -24.44 -0.06
CA SER D 30 -2.20 -23.58 -1.24
C SER D 30 -0.99 -22.67 -1.39
N SER D 31 -0.29 -22.35 -0.30
CA SER D 31 0.85 -21.44 -0.34
C SER D 31 2.18 -22.12 -0.06
N PHE D 32 2.18 -23.39 0.31
CA PHE D 32 3.41 -24.09 0.68
C PHE D 32 3.93 -24.91 -0.50
N GLY D 33 5.25 -24.83 -0.72
CA GLY D 33 5.86 -25.62 -1.75
C GLY D 33 5.98 -27.08 -1.37
N MET D 34 6.28 -27.90 -2.38
CA MET D 34 6.34 -29.35 -2.20
C MET D 34 7.60 -29.89 -2.87
N HIS D 35 8.23 -30.86 -2.22
CA HIS D 35 9.39 -31.55 -2.77
C HIS D 35 9.17 -33.05 -2.68
N TRP D 36 9.78 -33.78 -3.61
CA TRP D 36 9.76 -35.23 -3.62
C TRP D 36 11.19 -35.74 -3.46
N VAL D 37 11.42 -36.51 -2.40
CA VAL D 37 12.73 -37.09 -2.11
C VAL D 37 12.54 -38.60 -1.98
N ARG D 38 13.38 -39.36 -2.67
CA ARG D 38 13.26 -40.81 -2.72
C ARG D 38 14.47 -41.47 -2.06
N GLN D 39 14.20 -42.57 -1.35
CA GLN D 39 15.23 -43.35 -0.68
C GLN D 39 15.17 -44.78 -1.20
N ALA D 40 16.31 -45.29 -1.64
CA ALA D 40 16.38 -46.65 -2.14
C ALA D 40 16.24 -47.63 -0.97
N PRO D 41 15.93 -48.90 -1.25
CA PRO D 41 15.72 -49.86 -0.16
C PRO D 41 16.91 -49.98 0.78
N GLU D 42 18.14 -49.75 0.30
CA GLU D 42 19.31 -49.87 1.15
C GLU D 42 20.31 -48.73 0.93
N LYS D 43 19.90 -47.62 0.33
CA LYS D 43 20.76 -46.47 0.09
C LYS D 43 20.16 -45.23 0.74
N GLY D 44 20.78 -44.08 0.49
CA GLY D 44 20.37 -42.82 1.06
C GLY D 44 19.28 -42.14 0.26
N LEU D 45 19.00 -40.90 0.63
CA LEU D 45 17.96 -40.12 -0.04
C LEU D 45 18.43 -39.66 -1.41
N GLU D 46 17.46 -39.22 -2.22
CA GLU D 46 17.74 -38.67 -3.53
C GLU D 46 16.59 -37.75 -3.93
N TRP D 47 16.91 -36.49 -4.24
CA TRP D 47 15.88 -35.55 -4.63
C TRP D 47 15.24 -35.97 -5.95
N VAL D 48 13.93 -35.75 -6.07
CA VAL D 48 13.16 -36.15 -7.24
C VAL D 48 12.65 -34.93 -8.00
N ALA D 49 11.83 -34.10 -7.36
CA ALA D 49 11.23 -32.96 -8.04
C ALA D 49 10.83 -31.92 -7.01
N TYR D 50 10.60 -30.70 -7.50
CA TYR D 50 10.19 -29.58 -6.67
C TYR D 50 9.19 -28.74 -7.45
N ILE D 51 8.07 -28.39 -6.80
CA ILE D 51 7.07 -27.50 -7.36
C ILE D 51 6.90 -26.32 -6.40
N SER D 52 6.98 -25.10 -6.94
CA SER D 52 6.90 -23.91 -6.11
C SER D 52 5.44 -23.58 -5.80
N SER D 53 5.24 -22.50 -5.06
CA SER D 53 3.89 -22.07 -4.70
C SER D 53 3.10 -21.72 -5.96
N GLY D 54 1.87 -22.23 -6.03
CA GLY D 54 1.02 -21.94 -7.17
C GLY D 54 1.56 -22.45 -8.49
N SER D 55 2.43 -23.45 -8.46
CA SER D 55 3.02 -24.02 -9.66
C SER D 55 3.81 -22.99 -10.47
N GLY D 56 4.31 -21.94 -9.81
CA GLY D 56 5.04 -20.92 -10.53
C GLY D 56 6.33 -21.44 -11.13
N THR D 57 7.08 -22.23 -10.37
CA THR D 57 8.36 -22.77 -10.81
C THR D 57 8.41 -24.25 -10.46
N ILE D 58 8.98 -25.04 -11.38
CA ILE D 58 9.09 -26.49 -11.20
C ILE D 58 10.51 -26.91 -11.59
N TYR D 59 11.07 -27.85 -10.84
CA TYR D 59 12.40 -28.37 -11.11
C TYR D 59 12.39 -29.89 -11.01
N TYR D 60 13.29 -30.52 -11.75
CA TYR D 60 13.48 -31.97 -11.69
C TYR D 60 14.98 -32.26 -11.65
N ALA D 61 15.32 -33.41 -11.06
CA ALA D 61 16.71 -33.83 -11.01
C ALA D 61 17.17 -34.31 -12.38
N ASP D 62 18.48 -34.23 -12.61
CA ASP D 62 19.04 -34.64 -13.90
C ASP D 62 18.80 -36.13 -14.17
N THR D 63 18.76 -36.96 -13.12
CA THR D 63 18.55 -38.38 -13.29
C THR D 63 17.07 -38.75 -13.40
N VAL D 64 16.16 -37.78 -13.26
CA VAL D 64 14.73 -38.05 -13.34
C VAL D 64 14.01 -37.09 -14.28
N LYS D 65 14.74 -36.21 -14.96
CA LYS D 65 14.09 -35.23 -15.83
C LYS D 65 13.36 -35.92 -16.97
N GLY D 66 12.16 -35.42 -17.28
CA GLY D 66 11.34 -35.95 -18.36
C GLY D 66 10.54 -37.18 -18.00
N ARG D 67 11.15 -38.10 -17.23
CA ARG D 67 10.47 -39.33 -16.86
C ARG D 67 9.24 -39.05 -16.01
N PHE D 68 9.34 -38.12 -15.07
CA PHE D 68 8.25 -37.78 -14.16
C PHE D 68 7.81 -36.34 -14.38
N THR D 69 6.52 -36.09 -14.11
CA THR D 69 5.95 -34.76 -14.14
C THR D 69 5.17 -34.52 -12.85
N ILE D 70 5.32 -33.34 -12.28
CA ILE D 70 4.73 -33.00 -10.99
C ILE D 70 3.63 -31.97 -11.21
N SER D 71 2.46 -32.21 -10.61
CA SER D 71 1.33 -31.30 -10.70
C SER D 71 0.62 -31.28 -9.36
N ARG D 72 -0.07 -30.17 -9.08
CA ARG D 72 -0.78 -29.99 -7.82
C ARG D 72 -2.16 -29.41 -8.11
N ASP D 73 -3.08 -29.68 -7.19
CA ASP D 73 -4.45 -29.16 -7.26
C ASP D 73 -4.79 -28.55 -5.90
N ASP D 74 -4.64 -27.23 -5.80
CA ASP D 74 -4.92 -26.55 -4.53
C ASP D 74 -6.34 -26.77 -4.06
N PRO D 75 -7.38 -26.65 -4.91
CA PRO D 75 -8.74 -26.88 -4.40
C PRO D 75 -8.93 -28.27 -3.81
N LYS D 76 -8.28 -29.29 -4.36
CA LYS D 76 -8.38 -30.64 -3.85
C LYS D 76 -7.36 -30.94 -2.75
N ASN D 77 -6.44 -30.01 -2.48
CA ASN D 77 -5.43 -30.19 -1.44
C ASN D 77 -4.67 -31.50 -1.65
N THR D 78 -4.30 -31.77 -2.90
CA THR D 78 -3.59 -32.98 -3.26
C THR D 78 -2.40 -32.64 -4.16
N LEU D 79 -1.33 -33.42 -4.03
CA LEU D 79 -0.14 -33.30 -4.86
C LEU D 79 0.00 -34.57 -5.69
N PHE D 80 0.18 -34.40 -7.01
CA PHE D 80 0.24 -35.52 -7.93
C PHE D 80 1.62 -35.62 -8.55
N LEU D 81 2.04 -36.86 -8.82
CA LEU D 81 3.32 -37.15 -9.47
C LEU D 81 3.08 -38.26 -10.50
N GLN D 82 2.76 -37.85 -11.73
CA GLN D 82 2.57 -38.80 -12.81
C GLN D 82 3.92 -39.32 -13.26
N MET D 83 4.06 -40.64 -13.38
CA MET D 83 5.34 -41.28 -13.62
C MET D 83 5.18 -42.42 -14.63
N THR D 84 6.20 -42.58 -15.48
CA THR D 84 6.14 -43.54 -16.57
C THR D 84 7.55 -43.92 -16.98
N SER D 85 7.64 -44.99 -17.77
CA SER D 85 8.93 -45.49 -18.28
C SER D 85 9.86 -45.84 -17.12
N LEU D 86 9.36 -46.64 -16.19
CA LEU D 86 10.13 -46.98 -14.99
C LEU D 86 11.18 -48.04 -15.30
N ARG D 87 12.22 -48.07 -14.47
CA ARG D 87 13.25 -49.09 -14.53
C ARG D 87 13.62 -49.51 -13.11
N SER D 88 14.51 -50.49 -13.01
CA SER D 88 14.93 -50.98 -11.71
C SER D 88 15.60 -49.90 -10.87
N GLU D 89 16.22 -48.90 -11.50
CA GLU D 89 16.89 -47.85 -10.76
C GLU D 89 15.93 -46.95 -9.99
N ASP D 90 14.65 -46.98 -10.35
CA ASP D 90 13.65 -46.11 -9.72
C ASP D 90 13.00 -46.73 -8.50
N THR D 91 13.28 -48.00 -8.20
CA THR D 91 12.69 -48.63 -7.03
C THR D 91 13.23 -47.97 -5.77
N ALA D 92 12.35 -47.32 -5.01
CA ALA D 92 12.78 -46.56 -3.84
C ALA D 92 11.54 -46.03 -3.13
N MET D 93 11.70 -45.79 -1.83
CA MET D 93 10.67 -45.12 -1.06
C MET D 93 10.47 -43.71 -1.60
N TYR D 94 9.23 -43.24 -1.58
CA TYR D 94 8.88 -41.89 -2.03
C TYR D 94 8.26 -41.13 -0.87
N TYR D 95 8.80 -39.95 -0.58
CA TYR D 95 8.38 -39.14 0.55
C TYR D 95 7.78 -37.83 0.07
N CYS D 96 6.65 -37.45 0.67
CA CYS D 96 6.02 -36.16 0.43
C CYS D 96 6.61 -35.14 1.41
N VAL D 97 7.14 -34.05 0.88
CA VAL D 97 7.92 -33.10 1.67
C VAL D 97 7.21 -31.75 1.66
N ARG D 98 7.13 -31.12 2.83
CA ARG D 98 6.51 -29.81 2.99
C ARG D 98 7.58 -28.75 3.22
N SER D 99 7.47 -27.63 2.52
CA SER D 99 8.46 -26.58 2.62
C SER D 99 7.84 -25.23 2.27
N ILE D 100 8.26 -24.20 2.98
CA ILE D 100 7.90 -22.82 2.68
C ILE D 100 9.18 -21.98 2.73
N TYR D 101 9.34 -21.10 1.75
CA TYR D 101 10.59 -20.36 1.56
C TYR D 101 10.37 -18.88 1.86
N TYR D 102 10.98 -18.42 2.95
CA TYR D 102 11.06 -17.00 3.30
C TYR D 102 12.01 -16.87 4.46
N TYR D 103 12.45 -15.64 4.72
CA TYR D 103 13.41 -15.41 5.78
C TYR D 103 12.85 -15.89 7.12
N GLY D 104 13.65 -16.66 7.85
CA GLY D 104 13.22 -17.23 9.11
C GLY D 104 12.39 -18.49 8.98
N SER D 105 12.11 -18.94 7.77
CA SER D 105 11.31 -20.14 7.57
C SER D 105 12.14 -21.39 7.80
N SER D 106 11.45 -22.53 7.87
CA SER D 106 12.09 -23.82 8.09
C SER D 106 11.71 -24.78 6.97
N PRO D 107 12.36 -24.68 5.81
CA PRO D 107 12.02 -25.60 4.71
C PRO D 107 12.39 -27.03 5.05
N PHE D 108 11.63 -27.96 4.45
CA PHE D 108 11.81 -29.39 4.70
C PHE D 108 11.57 -29.74 6.17
N ASP D 109 10.69 -28.99 6.84
CA ASP D 109 10.42 -29.22 8.25
C ASP D 109 9.54 -30.43 8.50
N PHE D 110 8.77 -30.88 7.50
CA PHE D 110 7.87 -32.02 7.65
C PHE D 110 8.07 -32.98 6.50
N TRP D 111 7.92 -34.27 6.81
CA TRP D 111 8.09 -35.34 5.84
C TRP D 111 6.95 -36.34 5.99
N GLY D 112 6.50 -36.89 4.86
CA GLY D 112 5.41 -37.83 4.87
C GLY D 112 5.84 -39.22 5.30
N GLN D 113 4.85 -40.07 5.55
CA GLN D 113 5.13 -41.44 5.97
C GLN D 113 5.87 -42.20 4.88
N GLY D 114 5.48 -42.04 3.63
CA GLY D 114 6.15 -42.66 2.52
C GLY D 114 5.35 -43.81 1.94
N THR D 115 5.60 -44.10 0.66
CA THR D 115 4.93 -45.18 -0.04
C THR D 115 5.97 -46.07 -0.73
N THR D 116 5.70 -47.37 -0.73
CA THR D 116 6.60 -48.36 -1.28
C THR D 116 6.22 -48.63 -2.73
N LEU D 117 7.12 -48.29 -3.65
CA LEU D 117 6.94 -48.56 -5.07
C LEU D 117 8.15 -49.36 -5.54
N THR D 118 7.92 -50.63 -5.89
CA THR D 118 8.98 -51.53 -6.31
C THR D 118 8.79 -51.88 -7.78
N VAL D 119 9.90 -51.84 -8.53
CA VAL D 119 9.90 -52.18 -9.95
C VAL D 119 10.36 -53.63 -10.08
N SER D 120 9.55 -54.45 -10.75
CA SER D 120 9.89 -55.85 -10.92
C SER D 120 11.16 -55.99 -11.75
N SER D 121 12.01 -56.95 -11.36
CA SER D 121 13.26 -57.19 -12.07
C SER D 121 13.02 -58.09 -13.29
N SER D 136 28.49 -31.80 -12.56
CA SER D 136 28.32 -30.43 -12.07
C SER D 136 27.52 -30.40 -10.77
N ASP D 137 26.74 -31.46 -10.54
CA ASP D 137 25.93 -31.54 -9.33
C ASP D 137 26.83 -31.62 -8.10
N ILE D 138 26.35 -31.02 -7.00
CA ILE D 138 27.12 -30.99 -5.77
C ILE D 138 27.12 -32.38 -5.14
N VAL D 139 28.29 -32.84 -4.73
CA VAL D 139 28.48 -34.16 -4.13
C VAL D 139 28.69 -33.98 -2.64
N MET D 140 27.93 -34.73 -1.84
CA MET D 140 28.00 -34.65 -0.39
C MET D 140 28.88 -35.80 0.12
N THR D 141 29.83 -35.47 0.98
CA THR D 141 30.78 -36.44 1.52
C THR D 141 30.67 -36.46 3.04
N GLN D 142 30.71 -37.66 3.61
CA GLN D 142 30.62 -37.86 5.05
C GLN D 142 31.81 -38.67 5.54
N ALA D 143 32.26 -38.37 6.75
CA ALA D 143 33.49 -38.97 7.26
C ALA D 143 33.34 -40.47 7.48
N THR D 144 32.28 -40.89 8.17
CA THR D 144 32.11 -42.28 8.54
C THR D 144 30.67 -42.71 8.28
N SER D 145 30.51 -43.97 7.87
CA SER D 145 29.19 -44.50 7.58
C SER D 145 28.41 -44.80 8.86
N SER D 146 29.09 -45.33 9.89
CA SER D 146 28.44 -45.64 11.15
C SER D 146 29.43 -45.44 12.28
N VAL D 147 28.94 -44.91 13.41
CA VAL D 147 29.77 -44.65 14.58
C VAL D 147 29.04 -45.12 15.82
N PRO D 148 29.64 -45.95 16.67
CA PRO D 148 28.95 -46.36 17.90
C PRO D 148 28.76 -45.19 18.85
N VAL D 149 27.65 -45.24 19.60
CA VAL D 149 27.31 -44.19 20.55
C VAL D 149 26.87 -44.83 21.86
N THR D 150 26.94 -44.04 22.93
CA THR D 150 26.50 -44.46 24.25
C THR D 150 25.67 -43.35 24.88
N PRO D 151 24.63 -43.69 25.65
CA PRO D 151 23.83 -42.64 26.29
C PRO D 151 24.69 -41.78 27.21
N GLY D 152 24.39 -40.47 27.21
CA GLY D 152 25.11 -39.52 28.02
C GLY D 152 26.40 -39.00 27.42
N GLU D 153 26.79 -39.49 26.25
CA GLU D 153 28.03 -39.06 25.61
C GLU D 153 27.72 -38.01 24.55
N SER D 154 28.78 -37.49 23.93
CA SER D 154 28.69 -36.49 22.88
C SER D 154 29.37 -37.01 21.62
N VAL D 155 28.72 -36.82 20.48
CA VAL D 155 29.22 -37.29 19.19
C VAL D 155 29.16 -36.14 18.19
N SER D 156 30.23 -35.98 17.42
CA SER D 156 30.33 -34.95 16.40
C SER D 156 30.34 -35.60 15.03
N ILE D 157 29.45 -35.14 14.14
CA ILE D 157 29.34 -35.64 12.78
C ILE D 157 29.75 -34.53 11.83
N SER D 158 30.71 -34.83 10.96
CA SER D 158 31.29 -33.86 10.04
C SER D 158 30.80 -34.14 8.62
N CYS D 159 30.39 -33.06 7.94
CA CYS D 159 29.95 -33.13 6.55
C CYS D 159 30.67 -32.06 5.75
N ARG D 160 31.06 -32.42 4.52
CA ARG D 160 31.80 -31.53 3.64
C ARG D 160 31.09 -31.43 2.30
N SER D 161 31.22 -30.26 1.67
CA SER D 161 30.59 -29.98 0.38
C SER D 161 31.67 -29.68 -0.65
N SER D 162 31.37 -29.97 -1.92
CA SER D 162 32.34 -29.73 -2.98
C SER D 162 32.71 -28.26 -3.08
N LYS D 163 31.73 -27.36 -2.94
CA LYS D 163 31.97 -25.93 -2.97
C LYS D 163 31.45 -25.31 -1.69
N SER D 164 32.00 -24.14 -1.35
CA SER D 164 31.56 -23.43 -0.16
C SER D 164 30.07 -23.13 -0.23
N LEU D 165 29.37 -23.44 0.85
CA LEU D 165 27.93 -23.21 0.92
C LEU D 165 27.56 -21.83 1.46
N LEU D 166 28.55 -20.99 1.75
CA LEU D 166 28.29 -19.65 2.26
C LEU D 166 28.04 -18.71 1.10
N HIS D 167 26.79 -18.29 0.94
CA HIS D 167 26.40 -17.39 -0.13
C HIS D 167 26.77 -15.96 0.24
N SER D 168 26.85 -15.09 -0.78
CA SER D 168 27.29 -13.72 -0.55
C SER D 168 26.44 -13.00 0.48
N ASN D 169 25.19 -13.43 0.65
CA ASN D 169 24.30 -12.81 1.63
C ASN D 169 24.69 -13.14 3.07
N GLY D 170 25.63 -14.05 3.29
CA GLY D 170 26.08 -14.40 4.62
C GLY D 170 25.43 -15.63 5.22
N ASN D 171 24.43 -16.21 4.56
CA ASN D 171 23.76 -17.39 5.06
C ASN D 171 24.43 -18.65 4.53
N THR D 172 24.63 -19.63 5.41
CA THR D 172 25.17 -20.93 5.05
C THR D 172 24.02 -21.90 4.87
N TYR D 173 23.94 -22.51 3.70
CA TYR D 173 22.76 -23.31 3.31
C TYR D 173 23.04 -24.78 3.55
N LEU D 174 22.90 -25.18 4.81
CA LEU D 174 23.07 -26.56 5.24
C LEU D 174 21.83 -27.02 5.99
N TYR D 175 21.33 -28.20 5.65
CA TYR D 175 20.17 -28.79 6.29
C TYR D 175 20.52 -30.16 6.83
N TRP D 176 20.18 -30.42 8.09
CA TRP D 176 20.42 -31.70 8.75
C TRP D 176 19.10 -32.38 9.04
N PHE D 177 19.01 -33.67 8.71
CA PHE D 177 17.79 -34.44 8.89
C PHE D 177 18.12 -35.73 9.63
N LEU D 178 17.21 -36.15 10.51
CA LEU D 178 17.33 -37.40 11.24
C LEU D 178 16.15 -38.29 10.91
N GLN D 179 16.44 -39.57 10.67
CA GLN D 179 15.42 -40.57 10.35
C GLN D 179 15.50 -41.69 11.37
N ARG D 180 14.52 -41.78 12.26
CA ARG D 180 14.45 -42.90 13.17
C ARG D 180 14.12 -44.17 12.37
N PRO D 181 14.60 -45.34 12.83
CA PRO D 181 14.30 -46.58 12.12
C PRO D 181 12.81 -46.78 11.90
N GLY D 182 12.38 -46.77 10.63
CA GLY D 182 10.99 -47.03 10.30
C GLY D 182 10.09 -45.80 10.30
N GLN D 183 10.60 -44.65 10.73
CA GLN D 183 9.82 -43.42 10.79
C GLN D 183 10.34 -42.41 9.78
N SER D 184 9.49 -41.43 9.47
CA SER D 184 9.86 -40.41 8.51
C SER D 184 10.97 -39.52 9.08
N PRO D 185 11.84 -38.99 8.23
CA PRO D 185 12.87 -38.06 8.70
C PRO D 185 12.27 -36.74 9.16
N GLN D 186 13.00 -36.06 10.03
CA GLN D 186 12.61 -34.75 10.53
C GLN D 186 13.79 -33.80 10.49
N LEU D 187 13.50 -32.51 10.40
CA LEU D 187 14.53 -31.49 10.27
C LEU D 187 15.07 -31.13 11.64
N LEU D 188 16.39 -31.28 11.81
CA LEU D 188 17.07 -30.95 13.06
C LEU D 188 17.66 -29.55 13.03
N ILE D 189 18.56 -29.29 12.09
CA ILE D 189 19.27 -28.02 11.99
C ILE D 189 19.06 -27.47 10.59
N TYR D 190 18.66 -26.20 10.50
CA TYR D 190 18.49 -25.52 9.23
C TYR D 190 19.34 -24.26 9.22
N ARG D 191 20.03 -24.01 8.11
CA ARG D 191 21.03 -22.96 7.94
C ARG D 191 22.29 -23.22 8.74
N MET D 192 22.41 -24.39 9.37
CA MET D 192 23.60 -24.80 10.11
C MET D 192 23.76 -24.04 11.43
N SER D 193 22.86 -23.12 11.75
CA SER D 193 22.96 -22.35 12.97
C SER D 193 21.66 -22.21 13.76
N ASN D 194 20.51 -22.54 13.18
CA ASN D 194 19.22 -22.37 13.83
C ASN D 194 18.58 -23.72 14.10
N LEU D 195 18.01 -23.87 15.30
CA LEU D 195 17.35 -25.10 15.69
C LEU D 195 15.96 -25.15 15.08
N ALA D 196 15.59 -26.32 14.55
CA ALA D 196 14.26 -26.52 14.00
C ALA D 196 13.23 -26.56 15.12
N SER D 197 11.99 -26.21 14.76
CA SER D 197 10.92 -26.17 15.75
C SER D 197 10.61 -27.57 16.25
N GLY D 198 10.42 -27.69 17.57
CA GLY D 198 10.04 -28.95 18.17
C GLY D 198 11.19 -29.90 18.46
N VAL D 199 12.43 -29.51 18.16
CA VAL D 199 13.58 -30.38 18.41
C VAL D 199 13.88 -30.40 19.89
N PRO D 200 14.59 -31.42 20.40
CA PRO D 200 14.88 -31.46 21.85
C PRO D 200 15.82 -30.36 22.32
N ASP D 201 16.48 -29.65 21.40
CA ASP D 201 17.43 -28.57 21.68
C ASP D 201 18.80 -29.12 22.06
N ARG D 202 18.99 -30.44 22.11
CA ARG D 202 20.32 -30.98 22.38
C ARG D 202 21.29 -30.66 21.25
N PHE D 203 20.80 -30.71 20.02
CA PHE D 203 21.67 -30.51 18.86
C PHE D 203 22.18 -29.08 18.80
N SER D 204 23.32 -28.92 18.11
CA SER D 204 23.91 -27.60 17.90
C SER D 204 24.81 -27.67 16.69
N GLY D 205 24.48 -26.93 15.65
CA GLY D 205 25.21 -26.96 14.41
C GLY D 205 26.22 -25.83 14.29
N SER D 206 27.33 -26.14 13.62
CA SER D 206 28.38 -25.14 13.38
C SER D 206 29.18 -25.58 12.16
N GLY D 207 29.87 -24.62 11.56
CA GLY D 207 30.67 -24.92 10.39
C GLY D 207 31.27 -23.65 9.80
N SER D 208 31.93 -23.84 8.66
CA SER D 208 32.56 -22.74 7.94
C SER D 208 32.49 -23.05 6.45
N GLY D 209 33.27 -22.31 5.66
CA GLY D 209 33.29 -22.51 4.23
C GLY D 209 33.72 -23.91 3.83
N THR D 210 32.79 -24.69 3.29
CA THR D 210 32.99 -26.05 2.81
C THR D 210 33.21 -27.06 3.94
N ALA D 211 33.23 -26.62 5.19
CA ALA D 211 33.39 -27.51 6.33
C ALA D 211 32.26 -27.29 7.31
N PHE D 212 31.62 -28.37 7.74
CA PHE D 212 30.49 -28.28 8.66
C PHE D 212 30.52 -29.47 9.60
N THR D 213 29.92 -29.27 10.78
CA THR D 213 29.86 -30.31 11.79
C THR D 213 28.57 -30.16 12.58
N LEU D 214 28.11 -31.28 13.15
CA LEU D 214 26.92 -31.32 13.97
C LEU D 214 27.30 -31.87 15.34
N THR D 215 27.05 -31.10 16.39
CA THR D 215 27.42 -31.47 17.76
C THR D 215 26.17 -31.81 18.54
N ILE D 216 26.22 -32.94 19.26
CA ILE D 216 25.11 -33.41 20.08
C ILE D 216 25.58 -33.41 21.53
N SER D 217 24.80 -32.78 22.40
CA SER D 217 25.11 -32.71 23.82
C SER D 217 24.21 -33.66 24.58
N ARG D 218 24.83 -34.56 25.36
CA ARG D 218 24.10 -35.51 26.19
C ARG D 218 23.16 -36.37 25.35
N LEU D 219 23.76 -37.14 24.44
CA LEU D 219 23.00 -38.08 23.63
C LEU D 219 22.27 -39.07 24.53
N GLU D 220 20.99 -39.30 24.22
CA GLU D 220 20.15 -40.17 25.04
C GLU D 220 19.30 -41.03 24.11
N ALA D 221 18.32 -41.72 24.69
CA ALA D 221 17.45 -42.59 23.92
C ALA D 221 16.62 -41.78 22.93
N GLU D 222 16.19 -42.46 21.86
CA GLU D 222 15.42 -41.91 20.75
C GLU D 222 16.31 -41.13 19.79
N ASP D 223 17.60 -40.96 20.09
CA ASP D 223 18.53 -40.30 19.18
C ASP D 223 19.19 -41.27 18.22
N VAL D 224 18.98 -42.57 18.38
CA VAL D 224 19.59 -43.56 17.49
C VAL D 224 18.95 -43.45 16.12
N GLY D 225 19.78 -43.39 15.08
CA GLY D 225 19.27 -43.29 13.73
C GLY D 225 20.37 -42.92 12.77
N VAL D 226 19.96 -42.57 11.55
CA VAL D 226 20.86 -42.19 10.48
C VAL D 226 20.71 -40.70 10.23
N TYR D 227 21.82 -39.99 10.12
CA TYR D 227 21.84 -38.54 9.98
C TYR D 227 22.15 -38.20 8.53
N TYR D 228 21.30 -37.38 7.92
CA TYR D 228 21.39 -37.05 6.50
C TYR D 228 21.88 -35.62 6.33
N CYS D 229 22.91 -35.46 5.50
CA CYS D 229 23.46 -34.14 5.18
C CYS D 229 22.92 -33.68 3.84
N MET D 230 22.45 -32.43 3.80
CA MET D 230 21.82 -31.88 2.61
C MET D 230 22.38 -30.50 2.32
N GLN D 231 22.34 -30.12 1.04
CA GLN D 231 22.76 -28.81 0.57
C GLN D 231 21.63 -28.19 -0.23
N HIS D 232 21.44 -26.88 -0.08
CA HIS D 232 20.37 -26.17 -0.78
C HIS D 232 20.90 -24.83 -1.30
N LEU D 233 22.09 -24.83 -1.87
CA LEU D 233 22.63 -23.63 -2.49
C LEU D 233 22.30 -23.52 -3.97
N GLU D 234 22.20 -24.66 -4.67
CA GLU D 234 21.89 -24.66 -6.09
C GLU D 234 21.33 -26.02 -6.47
N TYR D 235 20.25 -26.01 -7.23
CA TYR D 235 19.66 -27.26 -7.69
C TYR D 235 20.59 -27.93 -8.72
N PRO D 236 20.51 -29.26 -8.87
CA PRO D 236 19.61 -30.18 -8.15
C PRO D 236 20.04 -30.42 -6.70
N LEU D 237 19.06 -30.64 -5.83
CA LEU D 237 19.35 -30.92 -4.43
C LEU D 237 19.95 -32.31 -4.30
N THR D 238 20.97 -32.43 -3.44
CA THR D 238 21.69 -33.69 -3.24
C THR D 238 21.73 -34.02 -1.76
N PHE D 239 21.87 -35.30 -1.47
CA PHE D 239 21.88 -35.81 -0.11
C PHE D 239 23.13 -36.66 0.12
N GLY D 240 23.57 -36.70 1.38
CA GLY D 240 24.71 -37.53 1.74
C GLY D 240 24.33 -38.99 1.90
N ALA D 241 25.36 -39.82 2.06
CA ALA D 241 25.15 -41.25 2.21
C ALA D 241 24.53 -41.62 3.55
N GLY D 242 24.54 -40.71 4.52
CA GLY D 242 23.96 -41.01 5.83
C GLY D 242 24.99 -41.56 6.79
N THR D 243 24.79 -41.24 8.08
CA THR D 243 25.66 -41.73 9.15
C THR D 243 24.78 -42.35 10.22
N LYS D 244 24.85 -43.67 10.36
CA LYS D 244 23.97 -44.40 11.27
C LYS D 244 24.64 -44.51 12.63
N LEU D 245 24.02 -43.91 13.64
CA LEU D 245 24.47 -44.05 15.01
C LEU D 245 23.92 -45.33 15.61
N GLU D 246 24.78 -46.14 16.20
CA GLU D 246 24.41 -47.43 16.75
C GLU D 246 24.74 -47.48 18.24
N LEU D 247 23.81 -48.00 19.03
CA LEU D 247 24.01 -48.11 20.47
C LEU D 247 24.78 -49.38 20.81
N ARG E 159 21.47 32.47 -49.21
CA ARG E 159 21.19 31.08 -49.67
C ARG E 159 20.85 30.18 -48.50
N MET E 160 21.84 29.96 -47.62
CA MET E 160 21.64 29.05 -46.49
C MET E 160 20.52 29.49 -45.57
N PRO E 161 20.48 30.74 -45.07
CA PRO E 161 19.52 31.05 -43.99
C PRO E 161 18.07 30.82 -44.38
N SER E 162 17.70 31.07 -45.64
CA SER E 162 16.30 30.94 -46.03
C SER E 162 15.79 29.52 -45.80
N LYS E 163 16.56 28.52 -46.20
CA LYS E 163 16.18 27.14 -45.95
C LYS E 163 16.48 26.70 -44.53
N ILE E 164 17.52 27.28 -43.92
CA ILE E 164 17.94 26.84 -42.59
C ILE E 164 16.89 27.21 -41.54
N LEU E 165 16.26 28.38 -41.69
CA LEU E 165 15.24 28.76 -40.72
C LEU E 165 14.08 27.78 -40.75
N VAL E 166 13.62 27.39 -41.95
CA VAL E 166 12.54 26.43 -42.07
C VAL E 166 12.96 25.08 -41.51
N SER E 167 14.18 24.64 -41.85
CA SER E 167 14.67 23.37 -41.34
C SER E 167 14.69 23.35 -39.82
N LEU E 168 15.17 24.43 -39.21
CA LEU E 168 15.27 24.47 -37.75
C LEU E 168 13.89 24.54 -37.11
N THR E 169 12.98 25.36 -37.64
CA THR E 169 11.66 25.47 -37.04
C THR E 169 10.83 24.22 -37.24
N LEU E 170 11.19 23.36 -38.20
CA LEU E 170 10.53 22.06 -38.32
C LEU E 170 11.18 21.03 -37.40
N SER E 171 12.51 20.99 -37.37
CA SER E 171 13.21 20.00 -36.54
C SER E 171 12.93 20.23 -35.07
N GLY E 172 12.94 21.47 -34.61
CA GLY E 172 12.63 21.74 -33.22
C GLY E 172 11.21 21.36 -32.86
N LEU E 173 10.27 21.63 -33.76
CA LEU E 173 8.89 21.22 -33.52
C LEU E 173 8.78 19.71 -33.39
N ALA E 174 9.44 18.97 -34.28
CA ALA E 174 9.41 17.51 -34.20
C ALA E 174 10.03 17.03 -32.90
N LEU E 175 11.18 17.61 -32.52
CA LEU E 175 11.85 17.18 -31.30
C LEU E 175 11.01 17.45 -30.07
N MET E 176 10.39 18.63 -29.99
CA MET E 176 9.55 18.93 -28.84
C MET E 176 8.32 18.05 -28.80
N THR E 177 7.74 17.72 -29.96
CA THR E 177 6.64 16.78 -29.99
C THR E 177 7.06 15.43 -29.44
N THR E 178 8.24 14.95 -29.86
CA THR E 178 8.74 13.68 -29.36
C THR E 178 8.94 13.72 -27.85
N THR E 179 9.52 14.82 -27.35
CA THR E 179 9.76 14.91 -25.91
C THR E 179 8.45 14.96 -25.12
N ILE E 180 7.46 15.69 -25.63
CA ILE E 180 6.19 15.78 -24.93
C ILE E 180 5.48 14.43 -24.92
N ASN E 181 5.60 13.66 -26.01
CA ASN E 181 5.05 12.31 -26.00
C ASN E 181 5.80 11.42 -25.02
N SER E 182 7.13 11.54 -24.98
CA SER E 182 7.93 10.70 -24.10
C SER E 182 7.62 10.96 -22.64
N LEU E 183 7.49 12.25 -22.26
CA LEU E 183 7.18 12.55 -20.86
C LEU E 183 5.79 12.06 -20.48
N VAL E 184 4.83 12.13 -21.40
CA VAL E 184 3.50 11.60 -21.12
C VAL E 184 3.57 10.09 -20.89
N ILE E 185 4.30 9.38 -21.75
CA ILE E 185 4.40 7.93 -21.59
C ILE E 185 5.09 7.60 -20.27
N ALA E 186 6.16 8.34 -19.94
CA ALA E 186 6.86 8.09 -18.70
C ALA E 186 5.96 8.33 -17.49
N ALA E 187 5.17 9.41 -17.52
CA ALA E 187 4.26 9.68 -16.42
C ALA E 187 3.22 8.58 -16.29
N ILE E 188 2.67 8.11 -17.40
CA ILE E 188 1.67 7.06 -17.34
C ILE E 188 2.25 5.77 -16.78
N ILE E 189 3.42 5.37 -17.27
CA ILE E 189 4.03 4.12 -16.82
C ILE E 189 4.54 4.25 -15.38
N VAL E 190 5.15 5.38 -15.04
CA VAL E 190 5.80 5.51 -13.73
C VAL E 190 4.75 5.63 -12.62
N THR E 191 3.76 6.51 -12.81
CA THR E 191 2.84 6.83 -11.75
C THR E 191 1.80 5.74 -11.56
N ARG E 192 1.62 5.28 -10.32
CA ARG E 192 0.60 4.28 -10.04
C ARG E 192 -0.79 4.88 -10.02
N LYS E 193 -0.93 6.12 -9.54
CA LYS E 193 -2.24 6.76 -9.49
C LYS E 193 -2.90 6.80 -10.85
N LEU E 194 -2.11 6.95 -11.92
CA LEU E 194 -2.61 6.96 -13.28
C LEU E 194 -2.67 5.57 -13.89
N HIS E 195 -2.27 4.54 -13.16
CA HIS E 195 -2.20 3.18 -13.69
C HIS E 195 -3.55 2.47 -13.53
N HIS E 196 -4.56 3.01 -14.20
CA HIS E 196 -5.88 2.43 -14.27
C HIS E 196 -6.32 2.41 -15.72
N PRO E 197 -7.21 1.48 -16.09
CA PRO E 197 -7.42 1.21 -17.52
C PRO E 197 -7.97 2.39 -18.30
N ALA E 198 -8.55 3.39 -17.62
CA ALA E 198 -9.07 4.55 -18.33
C ALA E 198 -7.99 5.27 -19.12
N ASN E 199 -6.73 5.19 -18.66
CA ASN E 199 -5.63 5.90 -19.28
C ASN E 199 -4.88 5.06 -20.31
N TYR E 200 -5.25 3.79 -20.51
CA TYR E 200 -4.51 2.96 -21.45
C TYR E 200 -4.74 3.41 -22.88
N LEU E 201 -5.95 3.88 -23.19
CA LEU E 201 -6.19 4.42 -24.53
C LEU E 201 -5.34 5.66 -24.78
N ILE E 202 -5.22 6.53 -23.78
CA ILE E 202 -4.37 7.72 -23.93
C ILE E 202 -2.91 7.30 -24.06
N CYS E 203 -2.50 6.26 -23.33
CA CYS E 203 -1.14 5.74 -23.47
C CYS E 203 -0.89 5.26 -24.89
N SER E 204 -1.84 4.53 -25.46
CA SER E 204 -1.70 4.07 -26.85
C SER E 204 -1.64 5.25 -27.80
N LEU E 205 -2.46 6.27 -27.58
CA LEU E 205 -2.42 7.46 -28.43
C LEU E 205 -1.06 8.14 -28.34
N ALA E 206 -0.51 8.25 -27.13
CA ALA E 206 0.81 8.86 -26.97
C ALA E 206 1.88 8.02 -27.65
N VAL E 207 1.77 6.69 -27.57
CA VAL E 207 2.72 5.82 -28.25
C VAL E 207 2.66 6.04 -29.77
N THR E 208 1.46 6.13 -30.32
CA THR E 208 1.33 6.38 -31.75
C THR E 208 1.89 7.74 -32.13
N ASP E 209 1.65 8.76 -31.31
CA ASP E 209 2.21 10.08 -31.58
C ASP E 209 3.74 10.05 -31.56
N PHE E 210 4.32 9.36 -30.58
CA PHE E 210 5.76 9.24 -30.52
C PHE E 210 6.31 8.50 -31.73
N LEU E 211 5.62 7.44 -32.15
CA LEU E 211 6.05 6.71 -33.35
C LEU E 211 6.01 7.62 -34.57
N VAL E 212 4.94 8.42 -34.69
CA VAL E 212 4.86 9.37 -35.80
C VAL E 212 6.05 10.31 -35.77
N ALA E 213 6.30 10.93 -34.61
CA ALA E 213 7.35 11.94 -34.50
C ALA E 213 8.73 11.36 -34.73
N VAL E 214 8.94 10.08 -34.40
CA VAL E 214 10.25 9.48 -34.55
C VAL E 214 10.45 8.82 -35.91
N LEU E 215 9.38 8.53 -36.65
CA LEU E 215 9.50 7.84 -37.93
C LEU E 215 9.22 8.74 -39.11
N VAL E 216 8.07 9.40 -39.17
CA VAL E 216 7.61 10.03 -40.41
C VAL E 216 7.89 11.52 -40.43
N MET E 217 7.71 12.22 -39.31
CA MET E 217 7.90 13.67 -39.31
C MET E 217 9.31 14.05 -39.76
N PRO E 218 10.39 13.47 -39.22
CA PRO E 218 11.72 13.82 -39.75
C PRO E 218 11.88 13.52 -41.24
N PHE E 219 11.25 12.44 -41.71
CA PHE E 219 11.31 12.13 -43.13
C PHE E 219 10.60 13.21 -43.94
N SER E 220 9.46 13.70 -43.46
CA SER E 220 8.79 14.81 -44.12
C SER E 220 9.64 16.08 -44.09
N ILE E 221 10.38 16.29 -43.00
CA ILE E 221 11.23 17.47 -42.90
C ILE E 221 12.35 17.41 -43.94
N VAL E 222 13.01 16.26 -44.04
CA VAL E 222 14.06 16.12 -45.05
C VAL E 222 13.48 16.21 -46.45
N TYR E 223 12.23 15.76 -46.63
CA TYR E 223 11.56 15.92 -47.92
C TYR E 223 11.37 17.39 -48.26
N ILE E 224 10.82 18.18 -47.33
CA ILE E 224 10.48 19.56 -47.63
C ILE E 224 11.75 20.40 -47.80
N VAL E 225 12.75 20.19 -46.94
CA VAL E 225 13.98 20.98 -47.06
C VAL E 225 14.68 20.68 -48.38
N ARG E 226 14.76 19.40 -48.75
CA ARG E 226 15.34 18.98 -50.02
C ARG E 226 14.32 18.10 -50.73
N GLU E 227 13.91 18.53 -51.93
CA GLU E 227 12.82 17.86 -52.63
C GLU E 227 13.18 16.47 -53.14
N SER E 228 14.47 16.14 -53.19
CA SER E 228 14.90 14.84 -53.70
C SER E 228 14.82 13.79 -52.59
N TRP E 229 14.15 12.68 -52.88
CA TRP E 229 14.07 11.55 -51.96
C TRP E 229 15.39 10.78 -52.02
N ILE E 230 16.41 11.35 -51.38
CA ILE E 230 17.75 10.78 -51.43
C ILE E 230 17.77 9.39 -50.81
N MET E 231 16.89 9.13 -49.84
CA MET E 231 16.88 7.83 -49.18
C MET E 231 16.53 6.70 -50.12
N GLY E 232 15.87 6.99 -51.24
CA GLY E 232 15.57 5.99 -52.23
C GLY E 232 14.19 5.38 -52.05
N GLN E 233 13.72 4.72 -53.12
CA GLN E 233 12.40 4.09 -53.11
C GLN E 233 12.34 2.91 -52.13
N VAL E 234 13.48 2.34 -51.75
CA VAL E 234 13.47 1.20 -50.85
C VAL E 234 12.79 1.53 -49.54
N VAL E 235 12.83 2.80 -49.12
CA VAL E 235 12.18 3.22 -47.88
C VAL E 235 10.96 4.09 -48.13
N CYS E 236 10.70 4.52 -49.36
CA CYS E 236 9.52 5.32 -49.65
C CYS E 236 8.24 4.54 -49.31
N ASP E 237 8.20 3.26 -49.68
CA ASP E 237 7.01 2.47 -49.41
C ASP E 237 6.76 2.33 -47.92
N ILE E 238 7.80 2.03 -47.14
CA ILE E 238 7.62 1.84 -45.70
C ILE E 238 7.26 3.17 -45.04
N TRP E 239 7.86 4.27 -45.49
CA TRP E 239 7.48 5.58 -44.97
C TRP E 239 6.01 5.87 -45.24
N LEU E 240 5.56 5.61 -46.47
CA LEU E 240 4.15 5.84 -46.80
C LEU E 240 3.26 4.99 -45.90
N SER E 241 3.58 3.71 -45.77
CA SER E 241 2.76 2.82 -44.96
C SER E 241 2.71 3.28 -43.51
N VAL E 242 3.87 3.60 -42.94
CA VAL E 242 3.92 4.02 -41.54
C VAL E 242 3.11 5.29 -41.34
N ASP E 243 3.29 6.27 -42.24
CA ASP E 243 2.55 7.52 -42.10
C ASP E 243 1.05 7.28 -42.14
N ILE E 244 0.60 6.60 -43.18
CA ILE E 244 -0.82 6.33 -43.38
C ILE E 244 -1.46 5.55 -42.24
N THR E 245 -0.78 4.51 -41.78
CA THR E 245 -1.33 3.68 -40.71
C THR E 245 -1.30 4.42 -39.39
N CYS E 246 -0.25 5.19 -39.11
CA CYS E 246 -0.18 5.92 -37.85
C CYS E 246 -1.22 7.04 -37.80
N CYS E 247 -1.43 7.75 -38.91
CA CYS E 247 -2.46 8.78 -38.92
C CYS E 247 -3.84 8.17 -38.68
N THR E 248 -4.14 7.09 -39.39
CA THR E 248 -5.44 6.43 -39.20
C THR E 248 -5.57 5.91 -37.77
N CYS E 249 -4.48 5.37 -37.22
CA CYS E 249 -4.51 4.86 -35.85
C CYS E 249 -4.74 5.97 -34.84
N SER E 250 -4.13 7.14 -35.06
CA SER E 250 -4.36 8.27 -34.16
C SER E 250 -5.82 8.73 -34.23
N ILE E 251 -6.37 8.82 -35.44
CA ILE E 251 -7.76 9.23 -35.57
C ILE E 251 -8.68 8.22 -34.86
N LEU E 252 -8.44 6.94 -35.08
CA LEU E 252 -9.28 5.92 -34.46
C LEU E 252 -9.05 5.86 -32.95
N HIS E 253 -7.86 6.22 -32.48
CA HIS E 253 -7.62 6.28 -31.04
C HIS E 253 -8.41 7.41 -30.40
N LEU E 254 -8.45 8.58 -31.06
CA LEU E 254 -9.32 9.65 -30.57
C LEU E 254 -10.78 9.19 -30.55
N SER E 255 -11.21 8.52 -31.61
CA SER E 255 -12.58 8.02 -31.64
C SER E 255 -12.84 7.02 -30.50
N ALA E 256 -11.88 6.13 -30.24
CA ALA E 256 -12.04 5.14 -29.20
C ALA E 256 -12.04 5.77 -27.80
N ILE E 257 -11.22 6.81 -27.61
CA ILE E 257 -11.25 7.55 -26.35
C ILE E 257 -12.62 8.19 -26.16
N ALA E 258 -13.16 8.78 -27.22
CA ALA E 258 -14.50 9.35 -27.14
C ALA E 258 -15.53 8.28 -26.79
N LEU E 259 -15.41 7.09 -27.40
CA LEU E 259 -16.35 6.01 -27.12
C LEU E 259 -16.23 5.54 -25.68
N ASP E 260 -15.00 5.44 -25.16
CA ASP E 260 -14.82 5.06 -23.77
C ASP E 260 -15.45 6.07 -22.83
N ARG E 261 -15.23 7.36 -23.11
CA ARG E 261 -15.82 8.40 -22.27
C ARG E 261 -17.35 8.35 -22.32
N TYR E 262 -17.91 8.19 -23.52
CA TYR E 262 -19.36 8.12 -23.65
C TYR E 262 -19.92 6.93 -22.89
N ARG E 263 -19.25 5.77 -23.00
CA ARG E 263 -19.70 4.59 -22.28
C ARG E 263 -19.63 4.80 -20.78
N ALA E 264 -18.56 5.45 -20.30
CA ALA E 264 -18.41 5.69 -18.88
C ALA E 264 -19.38 6.75 -18.35
N ILE E 265 -19.88 7.64 -19.20
CA ILE E 265 -20.80 8.68 -18.76
C ILE E 265 -22.25 8.24 -18.92
N THR E 266 -22.49 7.24 -19.77
CA THR E 266 -23.84 6.74 -19.98
C THR E 266 -24.14 5.49 -19.16
N ASP E 267 -23.14 4.65 -18.90
CA ASP E 267 -23.29 3.41 -18.15
C ASP E 267 -22.22 3.31 -17.07
N ALA E 268 -22.10 4.39 -16.28
CA ALA E 268 -21.02 4.51 -15.30
C ALA E 268 -21.04 3.39 -14.28
N VAL E 269 -22.21 2.76 -14.07
CA VAL E 269 -22.33 1.73 -13.04
C VAL E 269 -22.27 0.36 -13.68
N GLU E 270 -22.67 0.26 -14.95
CA GLU E 270 -22.57 -1.00 -15.67
C GLU E 270 -21.24 -1.14 -16.40
N TYR E 271 -20.84 -0.10 -17.14
CA TYR E 271 -19.60 -0.17 -17.91
C TYR E 271 -18.37 -0.23 -17.03
N ALA E 272 -18.48 0.18 -15.75
CA ALA E 272 -17.32 0.15 -14.87
C ALA E 272 -16.77 -1.26 -14.71
N ARG E 273 -17.66 -2.24 -14.56
CA ARG E 273 -17.20 -3.62 -14.41
C ARG E 273 -16.45 -4.10 -15.65
N LYS E 274 -16.94 -3.72 -16.83
CA LYS E 274 -16.33 -4.13 -18.09
C LYS E 274 -15.17 -3.23 -18.50
N ARG E 275 -14.89 -2.17 -17.75
CA ARG E 275 -13.79 -1.26 -18.08
C ARG E 275 -12.48 -1.79 -17.53
N THR E 276 -12.14 -3.02 -17.89
CA THR E 276 -10.93 -3.68 -17.40
C THR E 276 -9.79 -3.45 -18.38
N PRO E 277 -8.55 -3.77 -17.98
CA PRO E 277 -7.43 -3.66 -18.91
C PRO E 277 -7.62 -4.48 -20.17
N LYS E 278 -8.32 -5.61 -20.08
CA LYS E 278 -8.57 -6.42 -21.26
C LYS E 278 -9.40 -5.65 -22.29
N HIS E 279 -10.39 -4.88 -21.82
CA HIS E 279 -11.19 -4.09 -22.74
C HIS E 279 -10.35 -3.03 -23.45
N ALA E 280 -9.47 -2.36 -22.71
CA ALA E 280 -8.59 -1.37 -23.33
C ALA E 280 -7.66 -2.03 -24.35
N GLY E 281 -7.09 -3.18 -24.00
CA GLY E 281 -6.21 -3.89 -24.90
C GLY E 281 -6.90 -4.30 -26.18
N ILE E 282 -8.11 -4.87 -26.06
CA ILE E 282 -8.84 -5.30 -27.25
C ILE E 282 -9.25 -4.08 -28.08
N MET E 283 -9.61 -2.98 -27.44
CA MET E 283 -9.93 -1.77 -28.17
C MET E 283 -8.72 -1.30 -28.97
N ILE E 284 -7.54 -1.29 -28.36
CA ILE E 284 -6.33 -0.87 -29.06
C ILE E 284 -6.05 -1.81 -30.22
N THR E 285 -6.19 -3.12 -30.01
CA THR E 285 -5.92 -4.08 -31.07
C THR E 285 -6.87 -3.88 -32.24
N ILE E 286 -8.16 -3.63 -31.95
CA ILE E 286 -9.11 -3.36 -33.03
C ILE E 286 -8.77 -2.07 -33.74
N VAL E 287 -8.29 -1.05 -33.01
CA VAL E 287 -7.88 0.20 -33.64
C VAL E 287 -6.74 -0.07 -34.62
N TRP E 288 -5.73 -0.82 -34.20
CA TRP E 288 -4.64 -1.15 -35.10
C TRP E 288 -5.12 -1.99 -36.29
N ILE E 289 -6.03 -2.93 -36.04
CA ILE E 289 -6.54 -3.77 -37.11
C ILE E 289 -7.26 -2.94 -38.16
N ILE E 290 -8.07 -1.97 -37.70
CA ILE E 290 -8.74 -1.07 -38.64
C ILE E 290 -7.74 -0.21 -39.38
N SER E 291 -6.73 0.31 -38.68
CA SER E 291 -5.70 1.11 -39.33
C SER E 291 -4.90 0.31 -40.35
N VAL E 292 -4.89 -1.01 -40.22
CA VAL E 292 -4.24 -1.87 -41.20
C VAL E 292 -5.18 -2.13 -42.37
N PHE E 293 -6.43 -2.49 -42.07
CA PHE E 293 -7.42 -2.70 -43.12
C PHE E 293 -7.55 -1.44 -43.98
N ILE E 294 -7.78 -0.30 -43.35
CA ILE E 294 -7.57 0.98 -44.01
C ILE E 294 -6.07 1.16 -44.22
N SER E 295 -5.71 1.98 -45.21
CA SER E 295 -4.36 2.22 -45.66
C SER E 295 -3.86 1.13 -46.59
N MET E 296 -4.64 0.07 -46.83
CA MET E 296 -4.26 -0.96 -47.78
C MET E 296 -4.59 -0.53 -49.20
N PRO E 297 -5.76 0.04 -49.47
CA PRO E 297 -6.07 0.47 -50.83
C PRO E 297 -5.04 1.43 -51.39
N PRO E 298 -4.54 2.39 -50.59
CA PRO E 298 -3.52 3.32 -51.12
C PRO E 298 -2.24 2.64 -51.59
N LEU E 299 -2.07 1.34 -51.40
CA LEU E 299 -0.90 0.63 -51.90
C LEU E 299 -0.95 0.39 -53.41
N PHE E 300 -1.90 1.01 -54.12
CA PHE E 300 -1.90 0.91 -55.58
C PHE E 300 -0.67 1.54 -56.19
N TRP E 301 0.07 2.35 -55.42
CA TRP E 301 1.34 2.89 -55.91
C TRP E 301 2.27 1.77 -56.33
N ARG E 302 2.19 0.61 -55.66
CA ARG E 302 2.95 -0.55 -56.09
C ARG E 302 2.67 -0.89 -57.54
N HIS E 303 1.43 -0.69 -57.97
CA HIS E 303 1.04 -0.86 -59.36
C HIS E 303 1.27 0.45 -60.12
N GLN E 304 1.92 0.36 -61.28
CA GLN E 304 2.24 1.53 -62.09
C GLN E 304 3.08 2.52 -61.28
N GLY E 305 4.26 2.05 -60.87
CA GLY E 305 5.14 2.88 -60.07
C GLY E 305 5.74 4.02 -60.87
N THR E 306 6.12 5.07 -60.14
CA THR E 306 6.73 6.27 -60.73
C THR E 306 7.96 6.67 -59.93
N SER E 307 8.80 5.69 -59.61
CA SER E 307 10.00 5.96 -58.84
C SER E 307 10.93 6.92 -59.57
N ARG E 308 10.94 6.88 -60.90
CA ARG E 308 11.81 7.76 -61.67
C ARG E 308 11.51 9.23 -61.42
N ASP E 309 10.29 9.54 -60.98
CA ASP E 309 9.93 10.92 -60.68
C ASP E 309 10.65 11.47 -59.46
N ASP E 310 11.31 10.62 -58.68
CA ASP E 310 12.01 11.04 -57.46
C ASP E 310 11.04 11.73 -56.50
N GLU E 311 9.80 11.27 -56.47
CA GLU E 311 8.75 11.85 -55.65
C GLU E 311 8.05 10.74 -54.88
N CYS E 312 7.94 10.91 -53.56
CA CYS E 312 7.46 9.84 -52.68
C CYS E 312 5.99 9.95 -52.33
N ILE E 313 5.27 10.98 -52.81
CA ILE E 313 3.84 11.07 -52.56
C ILE E 313 3.13 10.18 -53.57
N ILE E 314 1.83 9.95 -53.35
CA ILE E 314 1.07 8.97 -54.11
C ILE E 314 -0.06 9.68 -54.85
N LYS E 315 -0.23 9.35 -56.16
CA LYS E 315 -1.35 9.77 -57.04
C LYS E 315 -2.09 8.44 -57.28
N HIS E 316 -3.36 8.32 -56.88
CA HIS E 316 -4.05 7.04 -56.85
C HIS E 316 -4.92 6.81 -58.08
N ASP E 317 -5.72 7.81 -58.46
CA ASP E 317 -6.49 7.78 -59.71
C ASP E 317 -7.52 6.64 -59.72
N HIS E 318 -8.33 6.56 -58.67
CA HIS E 318 -9.44 5.63 -58.63
C HIS E 318 -10.44 6.13 -57.60
N ILE E 319 -11.70 6.29 -58.01
CA ILE E 319 -12.64 7.11 -57.23
C ILE E 319 -13.13 6.36 -56.00
N VAL E 320 -13.80 5.23 -56.20
CA VAL E 320 -14.52 4.60 -55.09
C VAL E 320 -13.54 4.13 -54.01
N SER E 321 -12.37 3.65 -54.40
CA SER E 321 -11.42 3.14 -53.42
C SER E 321 -10.93 4.24 -52.49
N THR E 322 -10.51 5.39 -53.05
CA THR E 322 -10.11 6.50 -52.19
C THR E 322 -11.31 7.05 -51.43
N ILE E 323 -12.50 6.99 -52.01
CA ILE E 323 -13.70 7.44 -51.28
C ILE E 323 -13.88 6.63 -50.01
N TYR E 324 -13.72 5.30 -50.13
CA TYR E 324 -13.83 4.44 -48.95
C TYR E 324 -12.70 4.71 -47.96
N SER E 325 -11.46 4.71 -48.45
CA SER E 325 -10.31 4.94 -47.57
C SER E 325 -10.33 6.33 -46.95
N THR E 326 -11.14 7.23 -47.49
CA THR E 326 -11.33 8.58 -46.98
C THR E 326 -12.43 8.62 -45.93
N PHE E 327 -13.63 8.18 -46.30
CA PHE E 327 -14.76 8.17 -45.38
C PHE E 327 -14.36 7.39 -44.14
N GLY E 328 -14.10 6.09 -44.30
CA GLY E 328 -13.82 5.24 -43.15
C GLY E 328 -12.59 5.63 -42.37
N ALA E 329 -11.71 6.45 -42.95
CA ALA E 329 -10.51 6.88 -42.27
C ALA E 329 -10.71 8.11 -41.40
N PHE E 330 -11.48 9.10 -41.87
CA PHE E 330 -11.66 10.29 -41.05
C PHE E 330 -13.10 10.72 -40.86
N TYR E 331 -13.94 10.63 -41.90
CA TYR E 331 -15.29 11.17 -41.77
C TYR E 331 -16.15 10.31 -40.86
N ILE E 332 -16.12 9.00 -41.05
CA ILE E 332 -16.83 8.10 -40.13
C ILE E 332 -16.31 8.27 -38.71
N PRO E 333 -14.99 8.28 -38.46
CA PRO E 333 -14.51 8.72 -37.14
C PRO E 333 -15.00 10.11 -36.76
N LEU E 334 -15.06 11.05 -37.72
CA LEU E 334 -15.52 12.39 -37.41
C LEU E 334 -16.98 12.39 -36.99
N ALA E 335 -17.83 11.71 -37.76
CA ALA E 335 -19.24 11.65 -37.39
C ALA E 335 -19.42 10.96 -36.05
N LEU E 336 -18.68 9.87 -35.82
CA LEU E 336 -18.76 9.15 -34.56
C LEU E 336 -18.39 10.06 -33.39
N ILE E 337 -17.26 10.76 -33.50
CA ILE E 337 -16.78 11.55 -32.38
C ILE E 337 -17.70 12.74 -32.14
N LEU E 338 -18.22 13.35 -33.20
CA LEU E 338 -19.21 14.42 -33.01
C LEU E 338 -20.45 13.92 -32.30
N ILE E 339 -20.99 12.76 -32.72
CA ILE E 339 -22.22 12.27 -32.10
C ILE E 339 -21.96 11.95 -30.62
N LEU E 340 -20.85 11.28 -30.33
CA LEU E 340 -20.54 10.93 -28.95
C LEU E 340 -20.30 12.16 -28.09
N TYR E 341 -19.56 13.15 -28.60
CA TYR E 341 -19.34 14.34 -27.79
C TYR E 341 -20.61 15.15 -27.62
N TYR E 342 -21.51 15.14 -28.61
CA TYR E 342 -22.81 15.76 -28.43
C TYR E 342 -23.60 15.08 -27.32
N LYS E 343 -23.58 13.74 -27.30
CA LYS E 343 -24.29 13.02 -26.24
C LYS E 343 -23.67 13.31 -24.87
N ILE E 344 -22.34 13.35 -24.80
CA ILE E 344 -21.67 13.66 -23.54
C ILE E 344 -22.02 15.07 -23.09
N TYR E 345 -22.06 16.03 -24.02
CA TYR E 345 -22.45 17.39 -23.67
C TYR E 345 -23.88 17.45 -23.19
N ARG E 346 -24.78 16.68 -23.82
CA ARG E 346 -26.16 16.63 -23.35
C ARG E 346 -26.25 16.09 -21.93
N ALA E 347 -25.49 15.02 -21.65
CA ALA E 347 -25.48 14.46 -20.29
C ALA E 347 -24.94 15.47 -19.29
N ALA E 348 -23.87 16.17 -19.66
CA ALA E 348 -23.31 17.20 -18.78
C ALA E 348 -24.30 18.33 -18.55
N LYS E 349 -25.03 18.74 -19.58
CA LYS E 349 -26.05 19.78 -19.41
C LYS E 349 -27.16 19.31 -18.48
N THR E 350 -27.62 18.08 -18.66
CA THR E 350 -28.66 17.51 -17.80
C THR E 350 -28.19 17.34 -16.36
N LEU E 351 -26.90 17.15 -16.14
CA LEU E 351 -26.33 17.09 -14.80
C LEU E 351 -26.16 18.47 -14.18
N TYR E 352 -25.79 19.46 -15.00
CA TYR E 352 -25.57 20.85 -14.51
C TYR E 352 -26.92 21.51 -14.17
N HIS E 353 -27.94 21.26 -15.00
CA HIS E 353 -29.29 21.84 -14.80
C HIS E 353 -30.20 20.79 -14.16
N GLY E 425 -24.12 29.13 -15.08
CA GLY E 425 -23.30 28.14 -15.77
C GLY E 425 -21.83 28.50 -15.77
N THR E 426 -21.33 28.92 -14.60
CA THR E 426 -19.93 29.32 -14.50
C THR E 426 -18.99 28.16 -14.84
N ARG E 427 -19.38 26.90 -14.55
CA ARG E 427 -18.50 25.74 -14.79
C ARG E 427 -18.98 25.14 -16.08
N GLU E 428 -20.27 25.29 -16.36
CA GLU E 428 -20.72 24.84 -17.66
C GLU E 428 -19.93 25.51 -18.77
N ARG E 429 -19.55 26.77 -18.58
CA ARG E 429 -18.70 27.44 -19.56
C ARG E 429 -17.33 26.77 -19.64
N LYS E 430 -16.77 26.37 -18.51
CA LYS E 430 -15.49 25.67 -18.52
C LYS E 430 -15.61 24.33 -19.24
N ALA E 431 -16.70 23.60 -18.98
CA ALA E 431 -16.90 22.32 -19.67
C ALA E 431 -17.05 22.53 -21.16
N ALA E 432 -17.80 23.55 -21.57
CA ALA E 432 -17.95 23.86 -22.98
C ALA E 432 -16.62 24.23 -23.61
N THR E 433 -15.79 24.99 -22.89
CA THR E 433 -14.47 25.33 -23.40
C THR E 433 -13.61 24.08 -23.57
N THR E 434 -13.65 23.17 -22.60
CA THR E 434 -12.88 21.94 -22.71
C THR E 434 -13.32 21.12 -23.93
N LEU E 435 -14.64 20.98 -24.12
CA LEU E 435 -15.14 20.26 -25.28
C LEU E 435 -14.74 20.96 -26.58
N GLY E 436 -14.85 22.28 -26.61
CA GLY E 436 -14.46 23.01 -27.80
C GLY E 436 -13.00 22.80 -28.14
N LEU E 437 -12.12 22.84 -27.13
CA LEU E 437 -10.71 22.57 -27.39
C LEU E 437 -10.52 21.15 -27.91
N ILE E 438 -11.05 20.16 -27.19
CA ILE E 438 -10.76 18.77 -27.50
C ILE E 438 -11.28 18.41 -28.89
N LEU E 439 -12.33 19.09 -29.36
CA LEU E 439 -12.86 18.81 -30.69
C LEU E 439 -12.21 19.65 -31.77
N GLY E 440 -12.13 20.96 -31.54
CA GLY E 440 -11.59 21.86 -32.55
C GLY E 440 -10.12 21.63 -32.84
N ALA E 441 -9.35 21.16 -31.85
CA ALA E 441 -7.96 20.83 -32.15
C ALA E 441 -7.88 19.80 -33.26
N PHE E 442 -8.60 18.69 -33.11
CA PHE E 442 -8.62 17.64 -34.14
C PHE E 442 -9.20 18.17 -35.45
N VAL E 443 -10.30 18.93 -35.36
CA VAL E 443 -10.95 19.42 -36.58
C VAL E 443 -9.99 20.30 -37.37
N ILE E 444 -9.40 21.30 -36.71
CA ILE E 444 -8.48 22.20 -37.40
C ILE E 444 -7.27 21.45 -37.91
N CYS E 445 -6.80 20.47 -37.14
CA CYS E 445 -5.61 19.73 -37.56
C CYS E 445 -5.84 18.95 -38.84
N TRP E 446 -6.97 18.25 -38.94
CA TRP E 446 -7.13 17.27 -40.01
C TRP E 446 -8.13 17.64 -41.10
N LEU E 447 -9.21 18.35 -40.79
CA LEU E 447 -10.22 18.62 -41.81
C LEU E 447 -9.66 19.33 -43.03
N PRO E 448 -8.80 20.35 -42.90
CA PRO E 448 -8.32 21.04 -44.12
C PRO E 448 -7.49 20.14 -45.03
N PHE E 449 -6.43 19.53 -44.50
CA PHE E 449 -5.63 18.61 -45.32
C PHE E 449 -6.49 17.49 -45.86
N PHE E 450 -7.36 16.89 -45.05
CA PHE E 450 -8.18 15.72 -45.46
C PHE E 450 -9.18 16.11 -46.56
N VAL E 451 -9.78 17.31 -46.51
CA VAL E 451 -10.69 17.68 -47.59
C VAL E 451 -9.93 18.07 -48.84
N LYS E 452 -8.73 18.62 -48.68
CA LYS E 452 -7.85 18.85 -49.83
C LYS E 452 -7.56 17.53 -50.53
N GLU E 453 -7.17 16.51 -49.76
CA GLU E 453 -6.83 15.22 -50.33
C GLU E 453 -8.02 14.57 -51.02
N LEU E 454 -9.24 14.87 -50.57
CA LEU E 454 -10.43 14.38 -51.27
C LEU E 454 -10.67 15.14 -52.57
N VAL E 455 -10.75 16.47 -52.48
CA VAL E 455 -11.13 17.26 -53.65
C VAL E 455 -10.12 17.08 -54.78
N VAL E 456 -8.83 17.10 -54.44
CA VAL E 456 -7.81 17.02 -55.49
C VAL E 456 -7.83 15.65 -56.16
N ASN E 457 -8.10 14.59 -55.40
CA ASN E 457 -7.91 13.24 -55.89
C ASN E 457 -9.19 12.61 -56.46
N VAL E 458 -10.37 13.13 -56.14
CA VAL E 458 -11.60 12.48 -56.56
C VAL E 458 -12.14 13.05 -57.87
N CYS E 459 -12.33 14.36 -57.95
CA CYS E 459 -12.95 14.96 -59.13
C CYS E 459 -12.15 16.11 -59.70
N ASP E 460 -11.49 16.90 -58.87
CA ASP E 460 -10.80 18.09 -59.34
C ASP E 460 -9.75 17.71 -60.39
N LYS E 461 -9.77 18.42 -61.52
CA LYS E 461 -8.78 18.19 -62.56
C LYS E 461 -7.50 18.95 -62.29
N CYS E 462 -7.57 20.05 -61.53
CA CYS E 462 -6.39 20.81 -61.15
C CYS E 462 -5.82 20.24 -59.85
N LYS E 463 -4.70 20.82 -59.41
CA LYS E 463 -4.02 20.38 -58.20
C LYS E 463 -3.56 21.59 -57.42
N ILE E 464 -3.48 21.43 -56.10
CA ILE E 464 -3.01 22.48 -55.22
C ILE E 464 -1.48 22.45 -55.18
N SER E 465 -0.88 23.60 -54.90
CA SER E 465 0.58 23.71 -54.90
C SER E 465 1.19 22.69 -53.94
N GLU E 466 2.31 22.10 -54.35
CA GLU E 466 2.96 21.08 -53.53
C GLU E 466 3.36 21.66 -52.17
N GLU E 467 3.90 22.88 -52.16
CA GLU E 467 4.28 23.49 -50.90
C GLU E 467 3.07 23.67 -50.00
N MET E 468 1.94 24.13 -50.57
CA MET E 468 0.73 24.27 -49.78
C MET E 468 0.24 22.92 -49.27
N SER E 469 0.31 21.89 -50.10
CA SER E 469 -0.14 20.57 -49.69
C SER E 469 0.68 20.06 -48.50
N ASN E 470 2.00 20.23 -48.55
CA ASN E 470 2.83 19.80 -47.44
C ASN E 470 2.59 20.65 -46.19
N PHE E 471 2.20 21.91 -46.37
CA PHE E 471 1.82 22.72 -45.21
C PHE E 471 0.60 22.13 -44.52
N LEU E 472 -0.40 21.71 -45.30
CA LEU E 472 -1.57 21.04 -44.72
C LEU E 472 -1.18 19.71 -44.09
N ALA E 473 -0.24 19.00 -44.70
CA ALA E 473 0.23 17.74 -44.13
C ALA E 473 0.87 17.98 -42.76
N TRP E 474 1.68 19.02 -42.64
CA TRP E 474 2.28 19.32 -41.34
C TRP E 474 1.24 19.83 -40.35
N LEU E 475 0.23 20.55 -40.82
CA LEU E 475 -0.86 20.93 -39.94
C LEU E 475 -1.54 19.69 -39.37
N GLY E 476 -1.77 18.68 -40.21
CA GLY E 476 -2.31 17.42 -39.72
C GLY E 476 -1.37 16.73 -38.74
N TYR E 477 -0.07 16.72 -39.05
CA TYR E 477 0.90 16.13 -38.13
C TYR E 477 0.89 16.84 -36.79
N LEU E 478 0.55 18.13 -36.77
CA LEU E 478 0.56 18.89 -35.53
C LEU E 478 -0.40 18.33 -34.49
N ASN E 479 -1.37 17.50 -34.92
CA ASN E 479 -2.26 16.86 -33.96
C ASN E 479 -1.49 16.03 -32.95
N SER E 480 -0.38 15.42 -33.38
CA SER E 480 0.42 14.64 -32.45
C SER E 480 0.94 15.50 -31.31
N LEU E 481 1.41 16.71 -31.63
CA LEU E 481 1.86 17.63 -30.59
C LEU E 481 0.69 18.13 -29.75
N ILE E 482 -0.44 18.44 -30.40
CA ILE E 482 -1.56 19.04 -29.67
C ILE E 482 -2.18 18.05 -28.70
N ASN E 483 -2.28 16.77 -29.09
CA ASN E 483 -3.00 15.80 -28.26
C ASN E 483 -2.47 15.76 -26.82
N PRO E 484 -1.17 15.64 -26.57
CA PRO E 484 -0.69 15.75 -25.19
C PRO E 484 -1.00 17.09 -24.54
N LEU E 485 -1.14 18.15 -25.32
CA LEU E 485 -1.43 19.48 -24.79
C LEU E 485 -2.92 19.75 -24.63
N ILE E 486 -3.77 18.84 -25.11
CA ILE E 486 -5.21 18.92 -24.88
C ILE E 486 -5.71 17.73 -24.07
N TYR E 487 -5.18 16.54 -24.32
CA TYR E 487 -5.37 15.40 -23.43
C TYR E 487 -4.30 15.40 -22.36
N THR E 488 -4.67 14.93 -21.17
CA THR E 488 -3.79 14.77 -20.02
C THR E 488 -3.36 16.09 -19.40
N ILE E 489 -3.80 17.23 -19.93
CA ILE E 489 -3.42 18.53 -19.37
C ILE E 489 -4.56 19.02 -18.47
N PHE E 490 -5.79 18.71 -18.85
CA PHE E 490 -6.97 19.03 -18.03
C PHE E 490 -7.34 17.85 -17.14
N ASN E 491 -6.38 17.36 -16.36
CA ASN E 491 -6.60 16.23 -15.46
C ASN E 491 -5.70 16.41 -14.25
N GLU E 492 -6.30 16.43 -13.06
CA GLU E 492 -5.52 16.69 -11.85
C GLU E 492 -4.44 15.64 -11.64
N ASP E 493 -4.76 14.37 -11.93
CA ASP E 493 -3.77 13.31 -11.73
C ASP E 493 -2.54 13.56 -12.58
N PHE E 494 -2.73 13.90 -13.86
CA PHE E 494 -1.60 14.18 -14.73
C PHE E 494 -0.85 15.44 -14.29
N LYS E 495 -1.57 16.46 -13.83
CA LYS E 495 -0.91 17.66 -13.34
C LYS E 495 0.01 17.34 -12.18
N LYS E 496 -0.48 16.53 -11.23
CA LYS E 496 0.37 16.13 -10.11
C LYS E 496 1.54 15.27 -10.56
N ALA E 497 1.29 14.34 -11.50
CA ALA E 497 2.34 13.44 -11.95
C ALA E 497 3.46 14.19 -12.64
N PHE E 498 3.13 15.18 -13.47
CA PHE E 498 4.14 15.87 -14.26
C PHE E 498 5.20 16.54 -13.38
N GLN E 499 4.84 16.97 -12.17
CA GLN E 499 5.83 17.58 -11.29
C GLN E 499 6.88 16.56 -10.86
N LYS E 500 6.49 15.29 -10.73
CA LYS E 500 7.46 14.27 -10.33
C LYS E 500 8.57 14.13 -11.37
N LEU E 501 8.22 14.14 -12.64
CA LEU E 501 9.20 14.03 -13.71
C LEU E 501 10.03 15.30 -13.82
C10 05X F . -3.94 9.81 -44.14
C13 05X F . -5.57 7.90 -45.21
C15 05X F . -4.55 8.86 -43.33
C17 05X F . -4.12 9.11 -48.39
C20 05X F . -3.63 9.87 -50.76
C21 05X F . -3.87 9.84 -52.12
C22 05X F . -4.86 9.01 -52.63
C24 05X F . -5.37 8.25 -50.41
C1 05X F . 1.43 13.11 -46.27
N2 05X F . 0.47 12.31 -45.56
C3 05X F . -0.73 12.12 -46.41
C4 05X F . -1.89 11.37 -45.71
C5 05X F . -1.67 11.22 -44.22
C6 05X F . -1.14 12.49 -43.64
C7 05X F . 0.10 13.00 -44.33
C8 05X F . -3.02 10.87 -43.53
O9 05X F . -3.35 11.44 -42.55
N11 05X F . -4.16 9.79 -45.49
C12 05X F . -4.97 8.84 -46.02
C14 05X F . -5.35 7.92 -43.87
N16 05X F . -5.21 8.82 -47.46
O18 05X F . -3.04 9.38 -47.97
C19 05X F . -4.38 9.07 -49.90
C23 05X F . -5.61 8.22 -51.78
F25 05X F . -6.11 7.46 -49.57
F26 05X F . -5.09 8.98 -53.98
F27 05X F . -2.66 10.69 -50.24
#